data_6SO0
#
_entry.id   6SO0
#
_entity_poly.entity_id   1
_entity_poly.type   'polypeptide(L)'
_entity_poly.pdbx_seq_one_letter_code
;GSPTFCQGKADGLYPNPRERSSFYSCAAGRLFQQSCPTGLVFSNSCKCCTWNGLVPR
;
_entity_poly.pdbx_strand_id   A
#
# COMPACT_ATOMS: atom_id res chain seq x y z
N GLY A 1 0.37 -18.13 17.19
CA GLY A 1 1.69 -17.46 17.27
C GLY A 1 1.58 -15.99 16.96
N SER A 2 2.70 -15.31 16.79
CA SER A 2 2.68 -13.88 16.44
C SER A 2 2.32 -13.75 14.96
N PRO A 3 1.74 -12.61 14.56
CA PRO A 3 1.41 -12.50 13.13
C PRO A 3 2.64 -12.36 12.23
N THR A 4 2.67 -13.11 11.15
CA THR A 4 3.82 -13.18 10.25
C THR A 4 3.60 -12.41 8.96
N PHE A 5 2.53 -11.62 8.90
CA PHE A 5 2.15 -10.91 7.67
C PHE A 5 3.24 -10.04 7.05
N CYS A 6 4.03 -9.37 7.89
CA CYS A 6 5.12 -8.50 7.39
C CYS A 6 6.50 -9.03 7.77
N GLN A 7 6.56 -10.19 8.40
CA GLN A 7 7.82 -10.75 8.84
C GLN A 7 8.61 -11.23 7.64
N GLY A 8 9.82 -10.69 7.48
CA GLY A 8 10.68 -11.10 6.37
C GLY A 8 10.34 -10.42 5.05
N LYS A 9 9.31 -9.59 5.05
CA LYS A 9 8.91 -8.90 3.83
C LYS A 9 9.75 -7.67 3.60
N ALA A 10 10.04 -7.42 2.32
CA ALA A 10 10.68 -6.19 1.89
C ALA A 10 9.70 -5.05 2.12
N ASP A 11 10.22 -3.83 2.22
CA ASP A 11 9.41 -2.64 2.37
C ASP A 11 8.57 -2.36 1.11
N GLY A 12 7.73 -1.35 1.17
CA GLY A 12 6.85 -1.02 0.07
C GLY A 12 5.41 -1.28 0.45
N LEU A 13 4.49 -1.04 -0.49
CA LEU A 13 3.06 -1.21 -0.22
C LEU A 13 2.52 -2.52 -0.80
N TYR A 14 1.50 -3.08 -0.15
CA TYR A 14 0.89 -4.34 -0.55
C TYR A 14 -0.64 -4.17 -0.60
N PRO A 15 -1.34 -4.95 -1.46
CA PRO A 15 -2.79 -4.71 -1.63
C PRO A 15 -3.64 -5.08 -0.41
N ASN A 16 -4.69 -4.30 -0.24
CA ASN A 16 -5.61 -4.42 0.90
C ASN A 16 -6.77 -5.39 0.56
N PRO A 17 -7.41 -6.00 1.58
CA PRO A 17 -8.43 -7.02 1.27
C PRO A 17 -9.88 -6.56 1.10
N ARG A 18 -10.21 -5.37 1.58
CA ARG A 18 -11.63 -4.95 1.69
C ARG A 18 -11.97 -3.52 1.26
N GLU A 19 -11.24 -2.55 1.77
CA GLU A 19 -11.59 -1.16 1.56
C GLU A 19 -11.30 -0.68 0.15
N ARG A 20 -11.88 0.46 -0.23
CA ARG A 20 -11.73 0.96 -1.59
C ARG A 20 -10.31 1.38 -1.98
N SER A 21 -9.63 2.11 -1.10
CA SER A 21 -8.31 2.66 -1.43
C SER A 21 -7.32 2.67 -0.26
N SER A 22 -7.36 1.66 0.60
CA SER A 22 -6.36 1.58 1.68
C SER A 22 -5.29 0.61 1.21
N PHE A 23 -4.20 0.51 1.96
CA PHE A 23 -3.12 -0.39 1.61
C PHE A 23 -2.47 -0.91 2.87
N TYR A 24 -1.57 -1.86 2.68
CA TYR A 24 -0.69 -2.32 3.74
C TYR A 24 0.65 -1.72 3.37
N SER A 25 1.46 -1.40 4.37
CA SER A 25 2.78 -0.86 4.14
C SER A 25 3.70 -1.61 5.08
N CYS A 26 4.89 -1.96 4.61
CA CYS A 26 5.85 -2.67 5.43
C CYS A 26 7.07 -1.79 5.63
N ALA A 27 7.49 -1.63 6.87
CA ALA A 27 8.65 -0.80 7.20
C ALA A 27 9.45 -1.52 8.27
N ALA A 28 10.66 -1.96 7.94
CA ALA A 28 11.54 -2.70 8.85
C ALA A 28 10.84 -3.94 9.46
N GLY A 29 10.04 -4.62 8.65
CA GLY A 29 9.31 -5.81 9.12
C GLY A 29 8.10 -5.52 9.98
N ARG A 30 7.79 -4.24 10.19
CA ARG A 30 6.62 -3.85 10.96
C ARG A 30 5.51 -3.52 9.98
N LEU A 31 4.28 -3.76 10.38
CA LEU A 31 3.14 -3.55 9.50
C LEU A 31 2.42 -2.24 9.81
N PHE A 32 2.14 -1.49 8.77
CA PHE A 32 1.28 -0.31 8.86
C PHE A 32 0.10 -0.56 7.93
N GLN A 33 -1.08 -0.13 8.34
CA GLN A 33 -2.26 -0.20 7.49
C GLN A 33 -2.75 1.25 7.39
N GLN A 34 -2.73 1.80 6.19
CA GLN A 34 -3.01 3.24 6.00
C GLN A 34 -3.84 3.45 4.75
N SER A 35 -4.34 4.67 4.55
CA SER A 35 -5.21 4.98 3.40
C SER A 35 -4.53 5.87 2.35
N CYS A 36 -5.02 5.79 1.13
CA CYS A 36 -4.66 6.68 0.02
C CYS A 36 -5.96 7.43 -0.32
N PRO A 37 -6.20 8.58 0.32
CA PRO A 37 -7.57 9.13 0.23
C PRO A 37 -7.96 9.92 -1.04
N THR A 38 -7.18 10.93 -1.42
CA THR A 38 -7.60 11.85 -2.48
C THR A 38 -6.91 11.64 -3.84
N GLY A 39 -7.65 11.09 -4.79
CA GLY A 39 -7.14 10.93 -6.17
C GLY A 39 -6.08 9.86 -6.31
N LEU A 40 -5.69 9.28 -5.18
CA LEU A 40 -4.61 8.30 -5.12
C LEU A 40 -5.16 6.88 -5.20
N VAL A 41 -4.52 6.03 -5.99
CA VAL A 41 -4.89 4.63 -6.12
C VAL A 41 -3.63 3.77 -5.96
N PHE A 42 -3.78 2.57 -5.44
CA PHE A 42 -2.65 1.67 -5.27
C PHE A 42 -2.35 0.98 -6.61
N SER A 43 -1.06 0.85 -6.92
CA SER A 43 -0.63 0.16 -8.12
C SER A 43 0.24 -1.04 -7.75
N ASN A 44 -0.27 -2.23 -8.03
CA ASN A 44 0.42 -3.47 -7.68
C ASN A 44 1.75 -3.65 -8.42
N SER A 45 1.95 -2.94 -9.52
CA SER A 45 3.19 -3.08 -10.31
C SER A 45 4.37 -2.39 -9.63
N CYS A 46 4.14 -1.25 -8.98
CA CYS A 46 5.21 -0.48 -8.37
C CYS A 46 5.30 -0.65 -6.85
N LYS A 47 4.31 -1.33 -6.27
CA LYS A 47 4.21 -1.51 -4.80
C LYS A 47 4.15 -0.11 -4.20
N CYS A 48 3.48 0.77 -4.90
CA CYS A 48 3.41 2.18 -4.54
C CYS A 48 2.00 2.70 -4.80
N CYS A 49 1.69 3.86 -4.28
CA CYS A 49 0.38 4.47 -4.48
C CYS A 49 0.64 5.72 -5.31
N THR A 50 -0.19 5.99 -6.31
CA THR A 50 0.05 7.09 -7.24
C THR A 50 -1.27 7.76 -7.58
N TRP A 51 -1.20 8.98 -8.06
CA TRP A 51 -2.41 9.70 -8.48
C TRP A 51 -2.88 9.11 -9.78
N ASN A 52 -4.19 8.94 -9.92
CA ASN A 52 -4.75 8.41 -11.15
C ASN A 52 -4.73 9.46 -12.25
N GLY A 53 -4.11 9.12 -13.37
CA GLY A 53 -4.03 10.03 -14.51
C GLY A 53 -4.99 9.70 -15.64
N LEU A 54 -5.77 8.63 -15.49
CA LEU A 54 -6.68 8.22 -16.56
C LEU A 54 -8.12 8.65 -16.25
N VAL A 55 -8.68 9.48 -17.11
CA VAL A 55 -10.08 9.91 -16.98
C VAL A 55 -10.89 9.26 -18.12
N PRO A 56 -11.82 8.36 -17.78
CA PRO A 56 -12.62 7.64 -18.81
C PRO A 56 -13.93 8.38 -19.14
N ARG A 57 -13.98 9.67 -18.85
CA ARG A 57 -15.17 10.48 -19.07
C ARG A 57 -14.84 11.63 -20.00
N GLY A 1 11.66 -8.98 17.91
CA GLY A 1 10.85 -9.53 16.80
C GLY A 1 10.06 -8.45 16.10
N SER A 2 9.18 -8.85 15.18
CA SER A 2 8.35 -7.92 14.43
C SER A 2 7.10 -8.72 14.04
N PRO A 3 6.00 -8.06 13.64
CA PRO A 3 4.82 -8.86 13.35
C PRO A 3 4.95 -9.74 12.08
N THR A 4 4.31 -10.90 12.14
CA THR A 4 4.42 -11.93 11.11
C THR A 4 3.98 -11.55 9.72
N PHE A 5 3.03 -10.62 9.63
CA PHE A 5 2.48 -10.18 8.36
C PHE A 5 3.55 -9.56 7.43
N CYS A 6 4.54 -8.90 8.03
CA CYS A 6 5.61 -8.28 7.24
C CYS A 6 6.94 -9.02 7.44
N GLN A 7 6.92 -10.17 8.11
CA GLN A 7 8.13 -10.93 8.31
C GLN A 7 8.46 -11.68 7.02
N GLY A 8 9.69 -11.50 6.54
CA GLY A 8 10.10 -12.15 5.31
C GLY A 8 9.45 -11.51 4.10
N LYS A 9 9.00 -10.27 4.25
CA LYS A 9 8.39 -9.53 3.15
C LYS A 9 9.22 -8.30 2.89
N ALA A 10 9.29 -7.88 1.64
CA ALA A 10 10.02 -6.68 1.27
C ALA A 10 9.24 -5.50 1.84
N ASP A 11 9.96 -4.43 2.15
CA ASP A 11 9.32 -3.20 2.58
C ASP A 11 8.65 -2.59 1.35
N GLY A 12 7.56 -1.90 1.56
CA GLY A 12 6.78 -1.36 0.46
C GLY A 12 5.31 -1.49 0.78
N LEU A 13 4.45 -1.28 -0.21
CA LEU A 13 3.01 -1.33 0.00
C LEU A 13 2.43 -2.61 -0.60
N TYR A 14 1.38 -3.12 0.03
CA TYR A 14 0.73 -4.34 -0.41
C TYR A 14 -0.78 -4.12 -0.52
N PRO A 15 -1.47 -4.83 -1.42
CA PRO A 15 -2.91 -4.58 -1.55
C PRO A 15 -3.74 -5.09 -0.38
N ASN A 16 -4.74 -4.30 -0.01
CA ASN A 16 -5.73 -4.72 0.98
C ASN A 16 -6.86 -5.35 0.15
N PRO A 17 -7.36 -6.54 0.55
CA PRO A 17 -8.37 -7.18 -0.32
C PRO A 17 -9.75 -6.53 -0.31
N ARG A 18 -10.04 -5.74 0.72
CA ARG A 18 -11.35 -5.11 0.89
C ARG A 18 -11.34 -3.67 0.40
N GLU A 19 -10.22 -2.99 0.61
CA GLU A 19 -10.12 -1.56 0.33
C GLU A 19 -9.70 -1.24 -1.09
N ARG A 20 -10.00 -0.02 -1.54
CA ARG A 20 -9.64 0.45 -2.89
C ARG A 20 -8.40 1.36 -2.88
N SER A 21 -8.33 2.26 -1.91
CA SER A 21 -7.21 3.20 -1.82
C SER A 21 -6.34 2.97 -0.60
N SER A 22 -6.90 2.38 0.44
CA SER A 22 -6.13 2.06 1.64
C SER A 22 -5.32 0.80 1.37
N PHE A 23 -4.18 0.69 2.04
CA PHE A 23 -3.23 -0.37 1.74
C PHE A 23 -2.59 -0.92 3.00
N TYR A 24 -1.82 -1.98 2.83
CA TYR A 24 -0.96 -2.52 3.88
C TYR A 24 0.42 -2.00 3.54
N SER A 25 1.26 -1.82 4.52
CA SER A 25 2.60 -1.31 4.32
C SER A 25 3.54 -2.02 5.27
N CYS A 26 4.76 -2.24 4.81
CA CYS A 26 5.80 -2.86 5.63
C CYS A 26 7.00 -1.94 5.60
N ALA A 27 7.60 -1.73 6.76
CA ALA A 27 8.81 -0.92 6.88
C ALA A 27 9.66 -1.50 8.03
N ALA A 28 10.86 -1.97 7.72
CA ALA A 28 11.74 -2.67 8.67
C ALA A 28 11.00 -3.85 9.30
N GLY A 29 10.14 -4.49 8.53
CA GLY A 29 9.38 -5.65 8.99
C GLY A 29 8.23 -5.29 9.91
N ARG A 30 8.01 -4.01 10.16
CA ARG A 30 6.92 -3.56 11.03
C ARG A 30 5.70 -3.36 10.14
N LEU A 31 4.52 -3.65 10.66
CA LEU A 31 3.28 -3.52 9.89
C LEU A 31 2.69 -2.13 10.06
N PHE A 32 2.30 -1.52 8.97
CA PHE A 32 1.50 -0.29 9.00
C PHE A 32 0.27 -0.55 8.13
N GLN A 33 -0.88 -0.08 8.57
CA GLN A 33 -2.10 -0.18 7.77
C GLN A 33 -2.56 1.26 7.66
N GLN A 34 -2.58 1.80 6.45
CA GLN A 34 -2.79 3.23 6.25
C GLN A 34 -3.68 3.49 5.04
N SER A 35 -4.18 4.71 4.94
CA SER A 35 -5.04 5.09 3.84
C SER A 35 -4.35 6.03 2.87
N CYS A 36 -4.81 6.03 1.64
CA CYS A 36 -4.36 7.00 0.65
C CYS A 36 -5.62 7.80 0.31
N PRO A 37 -5.80 8.99 0.92
CA PRO A 37 -7.14 9.59 0.90
C PRO A 37 -7.56 10.37 -0.38
N THR A 38 -7.33 11.69 -0.41
CA THR A 38 -7.90 12.53 -1.45
C THR A 38 -7.28 12.36 -2.82
N GLY A 39 -8.10 11.86 -3.74
CA GLY A 39 -7.72 11.78 -5.15
C GLY A 39 -6.75 10.66 -5.51
N LEU A 40 -6.51 9.77 -4.57
CA LEU A 40 -5.49 8.74 -4.74
C LEU A 40 -6.06 7.34 -4.60
N VAL A 41 -5.40 6.37 -5.23
CA VAL A 41 -5.82 4.96 -5.20
C VAL A 41 -4.56 4.11 -5.05
N PHE A 42 -4.68 2.88 -4.61
CA PHE A 42 -3.51 2.02 -4.54
C PHE A 42 -3.31 1.33 -5.89
N SER A 43 -2.05 1.16 -6.28
CA SER A 43 -1.69 0.46 -7.51
C SER A 43 -0.69 -0.66 -7.23
N ASN A 44 -1.18 -1.89 -7.30
CA ASN A 44 -0.36 -3.07 -7.02
C ASN A 44 0.79 -3.25 -8.03
N SER A 45 0.63 -2.73 -9.24
CA SER A 45 1.64 -2.88 -10.28
C SER A 45 2.96 -2.17 -9.92
N CYS A 46 2.91 -1.09 -9.16
CA CYS A 46 4.11 -0.38 -8.73
C CYS A 46 4.36 -0.57 -7.24
N LYS A 47 3.46 -1.30 -6.56
CA LYS A 47 3.50 -1.45 -5.09
C LYS A 47 3.49 -0.07 -4.45
N CYS A 48 2.75 0.85 -5.05
CA CYS A 48 2.76 2.25 -4.64
C CYS A 48 1.36 2.83 -4.72
N CYS A 49 1.17 4.00 -4.15
CA CYS A 49 -0.11 4.70 -4.25
C CYS A 49 0.02 5.69 -5.38
N THR A 50 -1.02 5.84 -6.18
CA THR A 50 -0.98 6.70 -7.36
C THR A 50 -2.25 7.52 -7.51
N TRP A 51 -2.19 8.49 -8.41
CA TRP A 51 -3.37 9.20 -8.84
C TRP A 51 -4.23 8.20 -9.63
N ASN A 52 -5.49 8.51 -9.85
CA ASN A 52 -6.35 7.63 -10.65
C ASN A 52 -5.67 7.40 -12.02
N GLY A 53 -5.55 6.14 -12.40
CA GLY A 53 -4.73 5.72 -13.53
C GLY A 53 -5.23 5.95 -14.94
N LEU A 54 -5.71 7.15 -15.23
CA LEU A 54 -6.13 7.50 -16.59
C LEU A 54 -4.86 7.71 -17.41
N VAL A 55 -4.74 7.00 -18.53
CA VAL A 55 -3.54 7.07 -19.38
C VAL A 55 -3.61 8.37 -20.23
N PRO A 56 -2.65 9.29 -20.04
CA PRO A 56 -2.75 10.58 -20.74
C PRO A 56 -2.03 10.63 -22.10
N ARG A 57 -1.56 9.50 -22.60
CA ARG A 57 -0.76 9.45 -23.82
C ARG A 57 -1.01 8.11 -24.51
N GLY A 1 3.42 -10.11 19.33
CA GLY A 1 4.61 -9.66 18.59
C GLY A 1 4.25 -9.11 17.24
N SER A 2 5.23 -8.83 16.38
CA SER A 2 4.93 -8.35 15.03
C SER A 2 4.28 -9.52 14.27
N PRO A 3 3.27 -9.24 13.41
CA PRO A 3 2.65 -10.39 12.74
C PRO A 3 3.56 -10.99 11.66
N THR A 4 3.35 -12.27 11.37
CA THR A 4 4.11 -12.96 10.32
C THR A 4 3.72 -12.45 8.94
N PHE A 5 2.63 -11.70 8.90
CA PHE A 5 2.11 -11.08 7.67
C PHE A 5 3.16 -10.19 6.98
N CYS A 6 3.97 -9.49 7.77
CA CYS A 6 4.98 -8.57 7.21
C CYS A 6 6.41 -9.13 7.35
N GLN A 7 6.56 -10.21 8.10
CA GLN A 7 7.85 -10.81 8.27
C GLN A 7 8.26 -11.52 6.98
N GLY A 8 9.44 -11.22 6.49
CA GLY A 8 9.91 -11.81 5.24
C GLY A 8 9.35 -11.10 4.02
N LYS A 9 8.65 -9.99 4.23
CA LYS A 9 8.13 -9.21 3.12
C LYS A 9 9.09 -8.11 2.79
N ALA A 10 9.19 -7.77 1.52
CA ALA A 10 9.96 -6.60 1.12
C ALA A 10 9.12 -5.41 1.55
N ASP A 11 9.77 -4.31 1.91
CA ASP A 11 9.05 -3.11 2.28
C ASP A 11 8.36 -2.58 1.01
N GLY A 12 7.19 -1.99 1.18
CA GLY A 12 6.39 -1.55 0.05
C GLY A 12 4.92 -1.72 0.35
N LEU A 13 4.06 -1.40 -0.62
CA LEU A 13 2.60 -1.47 -0.41
C LEU A 13 1.97 -2.73 -1.01
N TYR A 14 1.04 -3.31 -0.29
CA TYR A 14 0.33 -4.52 -0.70
C TYR A 14 -1.18 -4.22 -0.68
N PRO A 15 -1.97 -4.82 -1.59
CA PRO A 15 -3.40 -4.46 -1.62
C PRO A 15 -4.20 -4.99 -0.43
N ASN A 16 -5.25 -4.27 -0.07
CA ASN A 16 -6.12 -4.66 1.04
C ASN A 16 -7.38 -5.34 0.49
N PRO A 17 -7.78 -6.50 1.05
CA PRO A 17 -8.97 -7.18 0.51
C PRO A 17 -10.32 -6.60 0.96
N ARG A 18 -10.33 -5.85 2.06
CA ARG A 18 -11.57 -5.34 2.63
C ARG A 18 -11.97 -4.00 2.05
N GLU A 19 -10.99 -3.14 1.81
CA GLU A 19 -11.25 -1.77 1.37
C GLU A 19 -10.66 -1.47 0.02
N ARG A 20 -11.33 -0.59 -0.71
CA ARG A 20 -10.92 -0.20 -2.05
C ARG A 20 -9.58 0.54 -2.08
N SER A 21 -9.55 1.65 -1.36
CA SER A 21 -8.41 2.57 -1.39
C SER A 21 -7.40 2.43 -0.26
N SER A 22 -7.47 1.34 0.51
CA SER A 22 -6.49 1.14 1.58
C SER A 22 -5.48 0.10 1.18
N PHE A 23 -4.39 0.04 1.91
CA PHE A 23 -3.30 -0.87 1.61
C PHE A 23 -2.65 -1.34 2.89
N TYR A 24 -1.75 -2.27 2.74
CA TYR A 24 -0.88 -2.70 3.81
C TYR A 24 0.46 -2.11 3.43
N SER A 25 1.20 -1.62 4.39
CA SER A 25 2.52 -1.05 4.13
C SER A 25 3.50 -1.73 5.04
N CYS A 26 4.52 -2.34 4.46
CA CYS A 26 5.60 -2.91 5.23
C CYS A 26 6.70 -1.88 5.23
N ALA A 27 7.18 -1.54 6.42
CA ALA A 27 8.26 -0.56 6.58
C ALA A 27 9.11 -1.02 7.75
N ALA A 28 10.37 -1.37 7.48
CA ALA A 28 11.30 -1.90 8.47
C ALA A 28 10.73 -3.13 9.19
N GLY A 29 9.97 -3.93 8.46
CA GLY A 29 9.36 -5.13 9.04
C GLY A 29 8.21 -4.84 9.99
N ARG A 30 7.71 -3.63 9.97
CA ARG A 30 6.54 -3.25 10.78
C ARG A 30 5.39 -3.11 9.81
N LEU A 31 4.19 -3.46 10.26
CA LEU A 31 3.01 -3.45 9.41
C LEU A 31 2.12 -2.24 9.70
N PHE A 32 2.07 -1.30 8.77
CA PHE A 32 1.16 -0.17 8.88
C PHE A 32 -0.02 -0.45 7.96
N GLN A 33 -1.23 -0.22 8.42
CA GLN A 33 -2.42 -0.39 7.58
C GLN A 33 -2.99 1.00 7.40
N GLN A 34 -2.89 1.53 6.18
CA GLN A 34 -3.20 2.94 5.91
C GLN A 34 -3.89 3.03 4.54
N SER A 35 -4.24 4.24 4.10
CA SER A 35 -4.95 4.41 2.83
C SER A 35 -4.41 5.57 2.01
N CYS A 36 -4.78 5.59 0.74
CA CYS A 36 -4.44 6.68 -0.19
C CYS A 36 -5.76 7.25 -0.73
N PRO A 37 -6.43 8.14 0.05
CA PRO A 37 -7.76 8.58 -0.39
C PRO A 37 -7.81 9.72 -1.43
N THR A 38 -7.54 10.94 -1.01
CA THR A 38 -7.73 12.11 -1.87
C THR A 38 -6.63 12.29 -2.91
N GLY A 39 -7.01 12.19 -4.18
CA GLY A 39 -6.08 12.47 -5.26
C GLY A 39 -5.01 11.42 -5.47
N LEU A 40 -5.16 10.27 -4.84
CA LEU A 40 -4.15 9.21 -4.90
C LEU A 40 -4.79 7.86 -5.19
N VAL A 41 -4.03 6.95 -5.76
CA VAL A 41 -4.48 5.59 -6.07
C VAL A 41 -3.33 4.64 -5.78
N PHE A 42 -3.62 3.37 -5.55
CA PHE A 42 -2.56 2.38 -5.32
C PHE A 42 -2.20 1.69 -6.65
N SER A 43 -0.93 1.71 -6.99
CA SER A 43 -0.44 1.04 -8.19
C SER A 43 0.32 -0.21 -7.77
N ASN A 44 -0.36 -1.34 -7.79
CA ASN A 44 0.24 -2.62 -7.37
C ASN A 44 1.43 -2.99 -8.26
N SER A 45 1.41 -2.52 -9.50
CA SER A 45 2.48 -2.76 -10.45
C SER A 45 3.80 -2.13 -10.03
N CYS A 46 3.76 -0.99 -9.34
CA CYS A 46 4.98 -0.33 -8.88
C CYS A 46 5.22 -0.59 -7.39
N LYS A 47 4.21 -1.18 -6.74
CA LYS A 47 4.22 -1.45 -5.29
C LYS A 47 4.23 -0.15 -4.49
N CYS A 48 3.76 0.92 -5.12
CA CYS A 48 3.68 2.23 -4.50
C CYS A 48 2.32 2.88 -4.73
N CYS A 49 2.07 3.97 -4.04
CA CYS A 49 0.88 4.78 -4.23
C CYS A 49 1.27 5.86 -5.24
N THR A 50 0.38 6.17 -6.16
CA THR A 50 0.66 7.12 -7.24
C THR A 50 -0.44 8.18 -7.31
N TRP A 51 -0.12 9.30 -7.95
CA TRP A 51 -1.06 10.40 -8.09
C TRP A 51 -2.21 10.06 -9.04
N ASN A 52 -3.42 10.45 -8.69
CA ASN A 52 -4.57 10.28 -9.56
C ASN A 52 -4.53 11.38 -10.61
N GLY A 53 -4.69 11.01 -11.88
CA GLY A 53 -4.60 11.98 -12.96
C GLY A 53 -3.27 11.88 -13.68
N LEU A 54 -2.41 11.00 -13.20
CA LEU A 54 -1.15 10.71 -13.85
C LEU A 54 -1.46 10.16 -15.25
N VAL A 55 -0.87 10.75 -16.28
CA VAL A 55 -1.16 10.35 -17.65
C VAL A 55 -0.29 9.12 -17.98
N PRO A 56 -0.92 7.99 -18.37
CA PRO A 56 -0.15 6.76 -18.59
C PRO A 56 0.45 6.60 -19.99
N ARG A 57 0.38 7.65 -20.80
CA ARG A 57 0.81 7.60 -22.20
C ARG A 57 1.31 8.98 -22.61
N GLY A 1 4.45 -9.74 20.80
CA GLY A 1 4.64 -10.42 19.50
C GLY A 1 4.44 -9.47 18.34
N SER A 2 4.42 -9.97 17.10
CA SER A 2 4.22 -9.12 15.93
C SER A 2 3.55 -9.98 14.85
N PRO A 3 2.63 -9.42 14.04
CA PRO A 3 2.01 -10.28 13.03
C PRO A 3 2.97 -10.68 11.91
N THR A 4 2.93 -11.93 11.46
CA THR A 4 3.81 -12.42 10.39
C THR A 4 3.24 -12.05 9.01
N PHE A 5 2.18 -11.27 9.02
CA PHE A 5 1.51 -10.77 7.83
C PHE A 5 2.47 -10.19 6.78
N CYS A 6 3.32 -9.25 7.17
CA CYS A 6 4.29 -8.65 6.23
C CYS A 6 5.74 -9.04 6.53
N GLN A 7 5.96 -9.81 7.58
CA GLN A 7 7.30 -10.29 7.88
C GLN A 7 7.74 -11.25 6.79
N GLY A 8 8.99 -11.14 6.37
CA GLY A 8 9.50 -11.97 5.31
C GLY A 8 9.15 -11.47 3.92
N LYS A 9 8.51 -10.32 3.84
CA LYS A 9 8.16 -9.70 2.58
C LYS A 9 8.97 -8.43 2.49
N ALA A 10 9.21 -7.98 1.27
CA ALA A 10 10.02 -6.78 1.06
C ALA A 10 9.27 -5.56 1.61
N ASP A 11 10.02 -4.56 2.04
CA ASP A 11 9.44 -3.30 2.48
C ASP A 11 8.75 -2.68 1.28
N GLY A 12 7.51 -2.24 1.46
CA GLY A 12 6.72 -1.73 0.34
C GLY A 12 5.24 -1.78 0.65
N LEU A 13 4.42 -1.39 -0.31
CA LEU A 13 2.97 -1.35 -0.11
C LEU A 13 2.32 -2.62 -0.68
N TYR A 14 1.23 -3.06 -0.06
CA TYR A 14 0.52 -4.26 -0.50
C TYR A 14 -1.00 -3.96 -0.52
N PRO A 15 -1.73 -4.56 -1.48
CA PRO A 15 -3.13 -4.17 -1.61
C PRO A 15 -4.03 -4.63 -0.49
N ASN A 16 -5.06 -3.84 -0.21
CA ASN A 16 -6.07 -4.22 0.78
C ASN A 16 -7.22 -4.87 0.01
N PRO A 17 -7.68 -6.07 0.41
CA PRO A 17 -8.77 -6.70 -0.34
C PRO A 17 -10.18 -6.18 -0.01
N ARG A 18 -10.34 -5.49 1.11
CA ARG A 18 -11.64 -5.00 1.56
C ARG A 18 -11.90 -3.58 1.06
N GLU A 19 -10.86 -2.77 1.07
CA GLU A 19 -10.97 -1.37 0.67
C GLU A 19 -10.26 -1.15 -0.65
N ARG A 20 -10.44 0.04 -1.21
CA ARG A 20 -9.75 0.43 -2.44
C ARG A 20 -8.67 1.51 -2.20
N SER A 21 -8.97 2.41 -1.29
CA SER A 21 -8.10 3.53 -0.99
C SER A 21 -7.03 3.19 0.07
N SER A 22 -7.28 2.22 0.94
CA SER A 22 -6.29 1.88 1.95
C SER A 22 -5.35 0.82 1.44
N PHE A 23 -4.20 0.72 2.07
CA PHE A 23 -3.20 -0.27 1.74
C PHE A 23 -2.58 -0.80 3.01
N TYR A 24 -1.82 -1.86 2.85
CA TYR A 24 -0.97 -2.38 3.92
C TYR A 24 0.40 -1.91 3.51
N SER A 25 1.25 -1.67 4.49
CA SER A 25 2.61 -1.25 4.20
C SER A 25 3.50 -1.97 5.16
N CYS A 26 4.67 -2.39 4.70
CA CYS A 26 5.65 -3.06 5.56
C CYS A 26 6.88 -2.18 5.58
N ALA A 27 7.28 -1.76 6.77
CA ALA A 27 8.46 -0.92 6.92
C ALA A 27 9.21 -1.36 8.19
N ALA A 28 10.46 -1.77 8.02
CA ALA A 28 11.30 -2.28 9.11
C ALA A 28 10.64 -3.46 9.86
N GLY A 29 9.92 -4.27 9.11
CA GLY A 29 9.25 -5.44 9.67
C GLY A 29 7.97 -5.13 10.42
N ARG A 30 7.54 -3.88 10.44
CA ARG A 30 6.33 -3.47 11.17
C ARG A 30 5.20 -3.31 10.17
N LEU A 31 4.02 -3.76 10.54
CA LEU A 31 2.85 -3.64 9.68
C LEU A 31 2.19 -2.27 9.94
N PHE A 32 2.13 -1.45 8.91
CA PHE A 32 1.39 -0.21 8.96
C PHE A 32 0.18 -0.39 8.08
N GLN A 33 -0.94 0.19 8.46
CA GLN A 33 -2.15 0.12 7.65
C GLN A 33 -2.63 1.58 7.52
N GLN A 34 -2.66 2.13 6.31
CA GLN A 34 -2.94 3.56 6.13
C GLN A 34 -3.73 3.78 4.83
N SER A 35 -4.24 4.99 4.65
CA SER A 35 -5.06 5.33 3.49
C SER A 35 -4.29 6.24 2.51
N CYS A 36 -4.74 6.25 1.25
CA CYS A 36 -4.21 7.15 0.23
C CYS A 36 -5.38 8.03 -0.24
N PRO A 37 -5.62 9.19 0.43
CA PRO A 37 -6.86 9.93 0.14
C PRO A 37 -6.89 10.92 -1.04
N THR A 38 -6.33 12.11 -0.86
CA THR A 38 -6.55 13.22 -1.78
C THR A 38 -5.91 13.09 -3.16
N GLY A 39 -6.70 12.62 -4.11
CA GLY A 39 -6.27 12.51 -5.48
C GLY A 39 -5.35 11.31 -5.70
N LEU A 40 -5.29 10.43 -4.72
CA LEU A 40 -4.35 9.31 -4.71
C LEU A 40 -5.01 7.98 -4.98
N VAL A 41 -4.37 7.17 -5.82
CA VAL A 41 -4.87 5.84 -6.16
C VAL A 41 -3.73 4.81 -6.05
N PHE A 42 -4.07 3.57 -5.69
CA PHE A 42 -3.06 2.52 -5.51
C PHE A 42 -2.82 1.75 -6.82
N SER A 43 -1.57 1.53 -7.15
CA SER A 43 -1.17 0.77 -8.32
C SER A 43 -0.47 -0.50 -7.89
N ASN A 44 -1.20 -1.60 -7.98
CA ASN A 44 -0.69 -2.90 -7.52
C ASN A 44 0.44 -3.46 -8.38
N SER A 45 0.52 -3.04 -9.63
CA SER A 45 1.55 -3.51 -10.54
C SER A 45 2.94 -3.10 -10.08
N CYS A 46 3.06 -1.90 -9.51
CA CYS A 46 4.35 -1.39 -9.04
C CYS A 46 4.47 -1.31 -7.52
N LYS A 47 3.38 -1.65 -6.82
CA LYS A 47 3.29 -1.57 -5.35
C LYS A 47 3.46 -0.12 -4.86
N CYS A 48 2.99 0.84 -5.66
CA CYS A 48 3.06 2.25 -5.31
C CYS A 48 1.66 2.80 -5.09
N CYS A 49 1.60 3.99 -4.51
CA CYS A 49 0.40 4.78 -4.51
C CYS A 49 0.79 5.99 -5.34
N THR A 50 -0.01 6.33 -6.33
CA THR A 50 0.31 7.40 -7.28
C THR A 50 -0.79 8.43 -7.29
N TRP A 51 -0.49 9.64 -7.71
CA TRP A 51 -1.51 10.66 -7.83
C TRP A 51 -2.26 10.44 -9.15
N ASN A 52 -3.56 10.70 -9.17
CA ASN A 52 -4.38 10.47 -10.34
C ASN A 52 -4.24 11.58 -11.38
N GLY A 53 -3.19 11.49 -12.18
CA GLY A 53 -2.94 12.46 -13.23
C GLY A 53 -3.51 12.03 -14.58
N LEU A 54 -4.53 11.19 -14.55
CA LEU A 54 -5.15 10.71 -15.79
C LEU A 54 -5.85 11.87 -16.51
N VAL A 55 -5.61 11.98 -17.81
CA VAL A 55 -6.30 12.98 -18.63
C VAL A 55 -7.20 12.23 -19.62
N PRO A 56 -8.52 12.48 -19.61
CA PRO A 56 -9.45 11.71 -20.44
C PRO A 56 -9.68 12.30 -21.84
N ARG A 57 -8.81 13.21 -22.27
CA ARG A 57 -8.96 13.86 -23.56
C ARG A 57 -7.59 14.13 -24.13
N GLY A 1 6.01 -6.27 20.95
CA GLY A 1 6.97 -6.76 19.93
C GLY A 1 6.58 -6.27 18.56
N SER A 2 7.38 -6.58 17.54
CA SER A 2 7.06 -6.15 16.17
C SER A 2 6.04 -7.10 15.54
N PRO A 3 5.14 -6.58 14.67
CA PRO A 3 4.21 -7.53 14.04
C PRO A 3 4.91 -8.42 13.02
N THR A 4 4.52 -9.68 12.95
CA THR A 4 5.15 -10.63 12.02
C THR A 4 4.59 -10.50 10.61
N PHE A 5 3.51 -9.75 10.46
CA PHE A 5 2.84 -9.58 9.17
C PHE A 5 3.74 -9.02 8.07
N CYS A 6 4.72 -8.19 8.43
CA CYS A 6 5.63 -7.61 7.45
C CYS A 6 7.06 -8.14 7.57
N GLN A 7 7.28 -9.05 8.50
CA GLN A 7 8.57 -9.66 8.64
C GLN A 7 8.70 -10.72 7.55
N GLY A 8 9.83 -10.74 6.86
CA GLY A 8 10.00 -11.67 5.75
C GLY A 8 9.42 -11.13 4.45
N LYS A 9 8.93 -9.90 4.50
CA LYS A 9 8.39 -9.23 3.31
C LYS A 9 9.29 -8.07 2.97
N ALA A 10 9.38 -7.75 1.69
CA ALA A 10 10.11 -6.57 1.27
C ALA A 10 9.24 -5.37 1.68
N ASP A 11 9.88 -4.26 1.96
CA ASP A 11 9.14 -3.03 2.27
C ASP A 11 8.42 -2.58 1.00
N GLY A 12 7.28 -1.93 1.18
CA GLY A 12 6.46 -1.52 0.05
C GLY A 12 5.00 -1.69 0.37
N LEU A 13 4.12 -1.52 -0.62
CA LEU A 13 2.69 -1.63 -0.41
C LEU A 13 2.11 -2.94 -0.98
N TYR A 14 1.17 -3.51 -0.24
CA TYR A 14 0.54 -4.77 -0.60
C TYR A 14 -0.99 -4.54 -0.65
N PRO A 15 -1.71 -5.30 -1.49
CA PRO A 15 -3.16 -5.04 -1.60
C PRO A 15 -3.96 -5.38 -0.35
N ASN A 16 -5.00 -4.61 -0.13
CA ASN A 16 -5.88 -4.72 1.05
C ASN A 16 -7.07 -5.64 0.77
N PRO A 17 -7.67 -6.26 1.80
CA PRO A 17 -8.77 -7.18 1.50
C PRO A 17 -10.07 -6.56 0.97
N ARG A 18 -10.44 -5.35 1.40
CA ARG A 18 -11.65 -4.68 0.87
C ARG A 18 -11.68 -3.17 1.14
N GLU A 19 -12.06 -2.81 2.36
CA GLU A 19 -12.19 -1.42 2.82
C GLU A 19 -12.70 -0.42 1.77
N ARG A 20 -11.82 0.41 1.23
CA ARG A 20 -12.21 1.41 0.23
C ARG A 20 -11.03 1.80 -0.65
N SER A 21 -10.00 2.37 -0.01
CA SER A 21 -8.80 2.84 -0.70
C SER A 21 -7.59 2.75 0.21
N SER A 22 -7.58 1.69 0.99
CA SER A 22 -6.51 1.44 1.95
C SER A 22 -5.52 0.45 1.37
N PHE A 23 -4.38 0.30 2.03
CA PHE A 23 -3.38 -0.68 1.62
C PHE A 23 -2.70 -1.23 2.86
N TYR A 24 -1.88 -2.23 2.65
CA TYR A 24 -1.01 -2.74 3.70
C TYR A 24 0.34 -2.16 3.33
N SER A 25 1.07 -1.67 4.31
CA SER A 25 2.39 -1.09 4.06
C SER A 25 3.38 -1.77 4.98
N CYS A 26 4.52 -2.12 4.42
CA CYS A 26 5.61 -2.66 5.20
C CYS A 26 6.74 -1.65 5.14
N ALA A 27 7.24 -1.28 6.31
CA ALA A 27 8.35 -0.33 6.43
C ALA A 27 9.21 -0.80 7.58
N ALA A 28 10.49 -1.06 7.33
CA ALA A 28 11.43 -1.62 8.30
C ALA A 28 10.89 -2.95 8.88
N GLY A 29 10.14 -3.68 8.05
CA GLY A 29 9.56 -4.94 8.47
C GLY A 29 8.38 -4.79 9.42
N ARG A 30 7.87 -3.58 9.58
CA ARG A 30 6.74 -3.32 10.49
C ARG A 30 5.52 -3.02 9.64
N LEU A 31 4.35 -3.33 10.16
CA LEU A 31 3.09 -3.11 9.44
C LEU A 31 2.48 -1.76 9.76
N PHE A 32 2.14 -1.03 8.72
CA PHE A 32 1.32 0.16 8.81
C PHE A 32 0.12 -0.10 7.90
N GLN A 33 -1.09 0.17 8.36
CA GLN A 33 -2.28 0.01 7.53
C GLN A 33 -2.81 1.43 7.34
N GLN A 34 -2.75 1.93 6.11
CA GLN A 34 -3.03 3.34 5.82
C GLN A 34 -3.81 3.46 4.52
N SER A 35 -4.25 4.66 4.18
CA SER A 35 -5.05 4.86 2.98
C SER A 35 -4.46 5.86 2.01
N CYS A 36 -4.90 5.77 0.76
CA CYS A 36 -4.51 6.68 -0.31
C CYS A 36 -5.80 7.27 -0.91
N PRO A 37 -6.48 8.19 -0.18
CA PRO A 37 -7.80 8.58 -0.68
C PRO A 37 -7.85 9.66 -1.77
N THR A 38 -7.36 10.86 -1.49
CA THR A 38 -7.52 11.98 -2.39
C THR A 38 -6.53 11.99 -3.53
N GLY A 39 -7.02 11.76 -4.75
CA GLY A 39 -6.19 11.91 -5.93
C GLY A 39 -5.15 10.82 -6.09
N LEU A 40 -5.28 9.73 -5.36
CA LEU A 40 -4.24 8.70 -5.29
C LEU A 40 -4.77 7.32 -5.67
N VAL A 41 -3.90 6.50 -6.24
CA VAL A 41 -4.24 5.13 -6.66
C VAL A 41 -3.10 4.17 -6.31
N PHE A 42 -3.42 2.92 -6.00
CA PHE A 42 -2.38 1.92 -5.69
C PHE A 42 -1.99 1.15 -6.95
N SER A 43 -0.70 1.03 -7.19
CA SER A 43 -0.18 0.26 -8.31
C SER A 43 0.62 -0.91 -7.76
N ASN A 44 0.10 -2.12 -7.89
CA ASN A 44 0.76 -3.31 -7.36
C ASN A 44 2.07 -3.60 -8.07
N SER A 45 2.19 -3.21 -9.34
CA SER A 45 3.43 -3.41 -10.08
C SER A 45 4.53 -2.49 -9.56
N CYS A 46 4.15 -1.29 -9.14
CA CYS A 46 5.09 -0.35 -8.54
C CYS A 46 5.35 -0.72 -7.08
N LYS A 47 4.41 -1.47 -6.52
CA LYS A 47 4.39 -1.79 -5.08
C LYS A 47 4.32 -0.49 -4.30
N CYS A 48 3.70 0.50 -4.91
CA CYS A 48 3.63 1.85 -4.36
C CYS A 48 2.29 2.48 -4.71
N CYS A 49 2.00 3.61 -4.07
CA CYS A 49 0.79 4.38 -4.36
C CYS A 49 1.26 5.59 -5.15
N THR A 50 0.57 5.92 -6.24
CA THR A 50 0.96 7.01 -7.11
C THR A 50 -0.15 8.03 -7.19
N TRP A 51 0.20 9.24 -7.60
CA TRP A 51 -0.79 10.28 -7.80
C TRP A 51 -1.54 9.92 -9.09
N ASN A 52 -2.85 10.06 -9.06
CA ASN A 52 -3.70 9.67 -10.18
C ASN A 52 -3.54 10.69 -11.30
N GLY A 53 -3.68 10.24 -12.54
CA GLY A 53 -3.54 11.13 -13.69
C GLY A 53 -2.11 11.21 -14.18
N LEU A 54 -1.28 10.28 -13.73
CA LEU A 54 0.10 10.21 -14.18
C LEU A 54 0.13 9.93 -15.68
N VAL A 55 0.78 10.80 -16.43
CA VAL A 55 0.86 10.66 -17.89
C VAL A 55 2.02 9.71 -18.21
N PRO A 56 1.75 8.60 -18.93
CA PRO A 56 2.85 7.65 -19.20
C PRO A 56 3.86 8.11 -20.25
N ARG A 57 3.48 9.15 -21.00
CA ARG A 57 4.29 9.72 -22.10
C ARG A 57 4.49 8.67 -23.19
N GLY A 1 4.57 -5.36 20.93
CA GLY A 1 4.88 -6.50 20.03
C GLY A 1 4.67 -6.14 18.58
N SER A 2 4.73 -7.11 17.68
CA SER A 2 4.52 -6.85 16.25
C SER A 2 3.93 -8.11 15.65
N PRO A 3 2.97 -8.00 14.70
CA PRO A 3 2.46 -9.24 14.13
C PRO A 3 3.45 -9.86 13.15
N THR A 4 3.22 -11.12 12.81
CA THR A 4 4.05 -11.84 11.83
C THR A 4 3.64 -11.50 10.39
N PHE A 5 2.68 -10.60 10.27
CA PHE A 5 2.13 -10.20 8.98
C PHE A 5 3.17 -9.64 8.01
N CYS A 6 4.05 -8.78 8.49
CA CYS A 6 5.12 -8.20 7.63
C CYS A 6 6.47 -8.89 7.86
N GLN A 7 6.51 -9.89 8.72
CA GLN A 7 7.74 -10.60 8.96
C GLN A 7 7.98 -11.53 7.79
N GLY A 8 9.21 -11.56 7.29
CA GLY A 8 9.53 -12.36 6.11
C GLY A 8 9.11 -11.70 4.82
N LYS A 9 8.79 -10.41 4.87
CA LYS A 9 8.37 -9.66 3.68
C LYS A 9 9.36 -8.55 3.47
N ALA A 10 9.46 -8.11 2.23
CA ALA A 10 10.29 -6.98 1.89
C ALA A 10 9.49 -5.74 2.29
N ASP A 11 10.18 -4.64 2.55
CA ASP A 11 9.49 -3.39 2.85
C ASP A 11 8.82 -2.91 1.57
N GLY A 12 7.70 -2.22 1.71
CA GLY A 12 6.92 -1.77 0.56
C GLY A 12 5.44 -1.89 0.85
N LEU A 13 4.60 -1.64 -0.13
CA LEU A 13 3.15 -1.70 0.07
C LEU A 13 2.61 -3.07 -0.36
N TYR A 14 1.50 -3.47 0.23
CA TYR A 14 0.85 -4.74 -0.10
C TYR A 14 -0.66 -4.48 -0.22
N PRO A 15 -1.36 -5.24 -1.10
CA PRO A 15 -2.76 -4.90 -1.34
C PRO A 15 -3.71 -5.10 -0.17
N ASN A 16 -4.68 -4.20 -0.08
CA ASN A 16 -5.69 -4.19 0.98
C ASN A 16 -6.85 -5.14 0.63
N PRO A 17 -7.57 -5.66 1.64
CA PRO A 17 -8.55 -6.70 1.33
C PRO A 17 -9.96 -6.26 0.88
N ARG A 18 -10.41 -5.07 1.22
CA ARG A 18 -11.82 -4.68 0.99
C ARG A 18 -12.08 -3.26 0.52
N GLU A 19 -11.30 -2.34 1.02
CA GLU A 19 -11.52 -0.91 0.80
C GLU A 19 -11.06 -0.49 -0.61
N ARG A 20 -11.26 0.77 -0.97
CA ARG A 20 -10.87 1.23 -2.30
C ARG A 20 -9.35 1.50 -2.44
N SER A 21 -8.87 2.54 -1.76
CA SER A 21 -7.48 3.01 -1.93
C SER A 21 -6.59 2.83 -0.70
N SER A 22 -6.98 2.01 0.27
CA SER A 22 -6.12 1.79 1.42
C SER A 22 -5.05 0.78 1.04
N PHE A 23 -4.07 0.57 1.91
CA PHE A 23 -3.03 -0.41 1.66
C PHE A 23 -2.41 -0.87 2.97
N TYR A 24 -1.59 -1.90 2.87
CA TYR A 24 -0.76 -2.33 3.99
C TYR A 24 0.60 -1.81 3.62
N SER A 25 1.41 -1.49 4.60
CA SER A 25 2.78 -1.06 4.37
C SER A 25 3.65 -1.82 5.34
N CYS A 26 4.74 -2.37 4.83
CA CYS A 26 5.71 -3.02 5.69
C CYS A 26 6.92 -2.08 5.70
N ALA A 27 7.37 -1.73 6.89
CA ALA A 27 8.53 -0.85 7.06
C ALA A 27 9.34 -1.40 8.24
N ALA A 28 10.61 -1.72 7.99
CA ALA A 28 11.48 -2.40 8.96
C ALA A 28 10.83 -3.72 9.42
N GLY A 29 10.07 -4.35 8.52
CA GLY A 29 9.37 -5.59 8.85
C GLY A 29 8.19 -5.41 9.79
N ARG A 30 7.80 -4.17 10.06
CA ARG A 30 6.68 -3.88 10.96
C ARG A 30 5.49 -3.48 10.11
N LEU A 31 4.30 -3.76 10.59
CA LEU A 31 3.07 -3.48 9.84
C LEU A 31 2.51 -2.10 10.14
N PHE A 32 2.22 -1.37 9.08
CA PHE A 32 1.43 -0.14 9.17
C PHE A 32 0.25 -0.35 8.23
N GLN A 33 -0.95 0.00 8.68
CA GLN A 33 -2.13 -0.06 7.82
C GLN A 33 -2.57 1.38 7.64
N GLN A 34 -2.67 1.84 6.40
CA GLN A 34 -2.96 3.25 6.14
C GLN A 34 -3.94 3.41 5.01
N SER A 35 -4.56 4.57 4.94
CA SER A 35 -5.50 4.89 3.87
C SER A 35 -4.86 5.95 2.98
N CYS A 36 -5.06 5.82 1.68
CA CYS A 36 -4.61 6.82 0.73
C CYS A 36 -5.87 7.63 0.46
N PRO A 37 -5.81 8.97 0.59
CA PRO A 37 -7.07 9.75 0.63
C PRO A 37 -7.76 10.00 -0.73
N THR A 38 -7.71 11.22 -1.23
CA THR A 38 -8.42 11.60 -2.45
C THR A 38 -7.48 11.76 -3.65
N GLY A 39 -8.03 11.54 -4.84
CA GLY A 39 -7.25 11.74 -6.07
C GLY A 39 -6.22 10.67 -6.36
N LEU A 40 -6.17 9.65 -5.51
CA LEU A 40 -5.15 8.61 -5.61
C LEU A 40 -5.77 7.21 -5.52
N VAL A 41 -5.10 6.23 -6.08
CA VAL A 41 -5.52 4.82 -6.05
C VAL A 41 -4.29 3.96 -5.82
N PHE A 42 -4.45 2.76 -5.30
CA PHE A 42 -3.31 1.87 -5.14
C PHE A 42 -3.02 1.16 -6.47
N SER A 43 -1.77 1.19 -6.91
CA SER A 43 -1.36 0.52 -8.14
C SER A 43 -0.38 -0.59 -7.81
N ASN A 44 -0.82 -1.83 -7.96
CA ASN A 44 0.00 -2.99 -7.64
C ASN A 44 1.24 -3.13 -8.52
N SER A 45 1.20 -2.58 -9.73
CA SER A 45 2.30 -2.74 -10.68
C SER A 45 3.58 -2.04 -10.23
N CYS A 46 3.45 -0.87 -9.62
CA CYS A 46 4.63 -0.14 -9.12
C CYS A 46 4.72 -0.29 -7.62
N LYS A 47 3.67 -0.88 -7.04
CA LYS A 47 3.52 -1.06 -5.60
C LYS A 47 3.47 0.27 -4.85
N CYS A 48 2.88 1.26 -5.49
CA CYS A 48 2.73 2.58 -4.91
C CYS A 48 1.27 3.00 -4.90
N CYS A 49 0.93 4.00 -4.11
CA CYS A 49 -0.33 4.68 -4.26
C CYS A 49 -0.04 5.73 -5.32
N THR A 50 -0.81 5.75 -6.40
CA THR A 50 -0.51 6.59 -7.56
C THR A 50 -1.63 7.56 -7.90
N TRP A 51 -1.27 8.57 -8.68
CA TRP A 51 -2.20 9.60 -9.12
C TRP A 51 -3.26 9.01 -10.02
N ASN A 52 -4.52 9.42 -9.83
CA ASN A 52 -5.64 8.88 -10.62
C ASN A 52 -5.83 9.59 -11.96
N GLY A 53 -4.75 10.09 -12.54
CA GLY A 53 -4.81 10.70 -13.87
C GLY A 53 -5.81 11.83 -14.03
N LEU A 54 -5.84 12.75 -13.08
CA LEU A 54 -6.75 13.89 -13.15
C LEU A 54 -6.40 14.75 -14.37
N VAL A 55 -7.38 15.02 -15.22
CA VAL A 55 -7.16 15.87 -16.38
C VAL A 55 -7.31 17.34 -15.93
N PRO A 56 -6.25 18.16 -16.06
CA PRO A 56 -6.34 19.55 -15.58
C PRO A 56 -7.14 20.48 -16.47
N ARG A 57 -7.57 19.96 -17.62
CA ARG A 57 -8.34 20.71 -18.65
C ARG A 57 -7.51 21.85 -19.22
N GLY A 1 1.87 -12.13 22.44
CA GLY A 1 2.09 -12.49 21.01
C GLY A 1 2.24 -11.25 20.15
N SER A 2 2.50 -11.42 18.86
CA SER A 2 2.67 -10.28 17.95
C SER A 2 2.22 -10.75 16.57
N PRO A 3 1.64 -9.85 15.74
CA PRO A 3 1.28 -10.36 14.40
C PRO A 3 2.50 -10.64 13.54
N THR A 4 2.39 -11.65 12.69
CA THR A 4 3.49 -12.07 11.81
C THR A 4 3.23 -11.65 10.38
N PHE A 5 2.16 -10.88 10.17
CA PHE A 5 1.72 -10.51 8.82
C PHE A 5 2.78 -9.86 7.92
N CYS A 6 3.67 -9.06 8.49
CA CYS A 6 4.71 -8.38 7.70
C CYS A 6 6.10 -9.03 7.89
N GLN A 7 6.19 -9.99 8.80
CA GLN A 7 7.44 -10.67 9.04
C GLN A 7 7.75 -11.58 7.85
N GLY A 8 8.95 -11.44 7.29
CA GLY A 8 9.33 -12.24 6.14
C GLY A 8 8.84 -11.64 4.82
N LYS A 9 8.24 -10.47 4.86
CA LYS A 9 7.76 -9.79 3.65
C LYS A 9 8.64 -8.62 3.32
N ALA A 10 8.83 -8.37 2.04
CA ALA A 10 9.61 -7.21 1.60
C ALA A 10 8.79 -5.95 1.86
N ASP A 11 9.47 -4.84 2.05
CA ASP A 11 8.81 -3.56 2.25
C ASP A 11 8.08 -3.14 0.97
N GLY A 12 7.13 -2.23 1.10
CA GLY A 12 6.32 -1.79 -0.03
C GLY A 12 4.85 -2.03 0.23
N LEU A 13 4.00 -1.71 -0.74
CA LEU A 13 2.56 -1.83 -0.54
C LEU A 13 1.97 -3.13 -1.06
N TYR A 14 0.94 -3.61 -0.38
CA TYR A 14 0.23 -4.84 -0.76
C TYR A 14 -1.27 -4.47 -0.78
N PRO A 15 -2.08 -5.16 -1.60
CA PRO A 15 -3.50 -4.77 -1.66
C PRO A 15 -4.27 -5.08 -0.37
N ASN A 16 -5.21 -4.19 -0.04
CA ASN A 16 -5.99 -4.24 1.19
C ASN A 16 -7.17 -5.23 1.09
N PRO A 17 -7.69 -5.71 2.24
CA PRO A 17 -8.70 -6.78 2.16
C PRO A 17 -10.18 -6.40 1.99
N ARG A 18 -10.60 -5.20 2.38
CA ARG A 18 -12.05 -4.87 2.44
C ARG A 18 -12.44 -3.51 1.88
N GLU A 19 -11.66 -2.52 2.26
CA GLU A 19 -11.94 -1.12 1.96
C GLU A 19 -11.74 -0.82 0.47
N ARG A 20 -12.22 0.32 0.01
CA ARG A 20 -12.06 0.66 -1.42
C ARG A 20 -10.66 1.14 -1.78
N SER A 21 -10.07 1.94 -0.89
CA SER A 21 -8.85 2.69 -1.21
C SER A 21 -7.64 2.59 -0.27
N SER A 22 -7.69 1.77 0.78
CA SER A 22 -6.52 1.69 1.68
C SER A 22 -5.53 0.67 1.13
N PHE A 23 -4.42 0.51 1.81
CA PHE A 23 -3.42 -0.49 1.45
C PHE A 23 -2.81 -1.10 2.70
N TYR A 24 -2.04 -2.14 2.49
CA TYR A 24 -1.17 -2.68 3.53
C TYR A 24 0.18 -2.12 3.13
N SER A 25 0.99 -1.78 4.10
CA SER A 25 2.33 -1.28 3.84
C SER A 25 3.27 -1.97 4.78
N CYS A 26 4.41 -2.39 4.27
CA CYS A 26 5.45 -2.96 5.09
C CYS A 26 6.59 -1.95 5.05
N ALA A 27 7.10 -1.58 6.21
CA ALA A 27 8.21 -0.63 6.32
C ALA A 27 9.07 -1.08 7.50
N ALA A 28 10.33 -1.41 7.22
CA ALA A 28 11.26 -1.97 8.21
C ALA A 28 10.67 -3.23 8.88
N GLY A 29 9.91 -3.99 8.11
CA GLY A 29 9.27 -5.20 8.63
C GLY A 29 8.08 -4.94 9.55
N ARG A 30 7.68 -3.68 9.66
CA ARG A 30 6.54 -3.31 10.50
C ARG A 30 5.33 -3.10 9.60
N LEU A 31 4.16 -3.47 10.10
CA LEU A 31 2.94 -3.33 9.32
C LEU A 31 2.27 -2.00 9.59
N PHE A 32 1.95 -1.30 8.51
CA PHE A 32 1.11 -0.11 8.56
C PHE A 32 -0.09 -0.39 7.67
N GLN A 33 -1.29 -0.10 8.14
CA GLN A 33 -2.50 -0.23 7.32
C GLN A 33 -3.04 1.18 7.19
N GLN A 34 -2.92 1.77 6.01
CA GLN A 34 -3.20 3.20 5.81
C GLN A 34 -3.78 3.46 4.43
N SER A 35 -4.21 4.69 4.19
CA SER A 35 -4.61 5.14 2.87
C SER A 35 -3.58 6.20 2.47
N CYS A 36 -3.50 6.56 1.19
CA CYS A 36 -2.56 7.60 0.75
C CYS A 36 -3.30 8.95 0.89
N PRO A 37 -2.71 9.93 1.58
CA PRO A 37 -3.51 11.14 1.83
C PRO A 37 -3.90 11.96 0.59
N THR A 38 -2.93 12.33 -0.23
CA THR A 38 -3.18 13.15 -1.42
C THR A 38 -3.11 12.35 -2.72
N GLY A 39 -4.11 12.49 -3.59
CA GLY A 39 -3.98 11.95 -4.94
C GLY A 39 -4.04 10.45 -5.04
N LEU A 40 -4.63 9.79 -4.04
CA LEU A 40 -4.55 8.33 -3.91
C LEU A 40 -4.92 7.52 -5.16
N VAL A 41 -3.94 6.76 -5.63
CA VAL A 41 -4.14 5.61 -6.51
C VAL A 41 -2.97 4.68 -6.14
N PHE A 42 -3.11 3.39 -6.39
CA PHE A 42 -2.07 2.42 -6.06
C PHE A 42 -1.62 1.76 -7.35
N SER A 43 -0.31 1.66 -7.55
CA SER A 43 0.25 1.01 -8.72
C SER A 43 1.05 -0.20 -8.27
N ASN A 44 0.54 -1.38 -8.59
CA ASN A 44 1.17 -2.63 -8.18
C ASN A 44 2.57 -2.79 -8.77
N SER A 45 2.79 -2.24 -9.96
CA SER A 45 4.08 -2.38 -10.65
C SER A 45 5.22 -1.66 -9.93
N CYS A 46 4.94 -0.53 -9.28
CA CYS A 46 5.96 0.18 -8.51
C CYS A 46 5.89 -0.24 -7.05
N LYS A 47 4.87 -1.04 -6.72
CA LYS A 47 4.61 -1.51 -5.35
C LYS A 47 4.42 -0.31 -4.42
N CYS A 48 3.92 0.79 -4.99
CA CYS A 48 3.92 2.08 -4.32
C CYS A 48 2.66 2.90 -4.58
N CYS A 49 2.48 3.96 -3.79
CA CYS A 49 1.38 4.90 -3.99
C CYS A 49 1.81 5.84 -5.11
N THR A 50 0.88 6.15 -6.00
CA THR A 50 1.12 7.06 -7.11
C THR A 50 0.09 8.17 -7.02
N TRP A 51 0.27 9.23 -7.79
CA TRP A 51 -0.67 10.35 -7.77
C TRP A 51 -1.68 10.19 -8.90
N ASN A 52 -2.92 10.60 -8.65
CA ASN A 52 -4.00 10.41 -9.59
C ASN A 52 -4.02 11.45 -10.71
N GLY A 53 -3.44 11.09 -11.85
CA GLY A 53 -3.48 11.93 -13.04
C GLY A 53 -2.43 13.03 -13.06
N LEU A 54 -1.55 13.04 -12.07
CA LEU A 54 -0.51 14.07 -11.97
C LEU A 54 0.84 13.42 -11.68
N VAL A 55 1.92 14.11 -12.02
CA VAL A 55 3.26 13.66 -11.69
C VAL A 55 3.73 14.57 -10.55
N PRO A 56 3.89 14.02 -9.33
CA PRO A 56 4.25 14.86 -8.18
C PRO A 56 5.76 15.01 -7.97
N ARG A 57 6.52 14.67 -9.00
CA ARG A 57 7.99 14.70 -8.94
C ARG A 57 8.49 16.01 -9.51
N GLY A 1 2.39 -11.21 19.05
CA GLY A 1 2.73 -10.01 18.25
C GLY A 1 3.68 -10.34 17.14
N SER A 2 4.20 -9.33 16.44
CA SER A 2 5.16 -9.52 15.33
C SER A 2 4.69 -10.53 14.27
N PRO A 3 3.68 -10.16 13.46
CA PRO A 3 3.26 -11.13 12.44
C PRO A 3 4.29 -11.30 11.32
N THR A 4 4.30 -12.49 10.72
CA THR A 4 5.24 -12.80 9.62
C THR A 4 4.80 -12.18 8.30
N PHE A 5 3.71 -11.42 8.35
CA PHE A 5 3.13 -10.77 7.17
C PHE A 5 4.13 -9.85 6.45
N CYS A 6 4.86 -9.06 7.22
CA CYS A 6 5.83 -8.10 6.64
C CYS A 6 7.28 -8.55 6.89
N GLN A 7 7.50 -9.48 7.81
CA GLN A 7 8.82 -9.99 8.05
C GLN A 7 9.33 -10.79 6.86
N GLY A 8 10.52 -10.44 6.39
CA GLY A 8 11.11 -11.13 5.25
C GLY A 8 10.51 -10.70 3.93
N LYS A 9 9.88 -9.53 3.89
CA LYS A 9 9.28 -9.01 2.66
C LYS A 9 10.00 -7.72 2.33
N ALA A 10 9.87 -7.29 1.09
CA ALA A 10 10.44 -6.02 0.68
C ALA A 10 9.52 -4.94 1.24
N ASP A 11 10.09 -3.81 1.63
CA ASP A 11 9.29 -2.69 2.08
C ASP A 11 8.51 -2.17 0.88
N GLY A 12 7.30 -1.69 1.11
CA GLY A 12 6.44 -1.24 0.04
C GLY A 12 4.97 -1.49 0.37
N LEU A 13 4.09 -1.14 -0.55
CA LEU A 13 2.65 -1.30 -0.34
C LEU A 13 2.12 -2.60 -0.94
N TYR A 14 1.15 -3.20 -0.28
CA TYR A 14 0.58 -4.48 -0.68
C TYR A 14 -0.96 -4.36 -0.66
N PRO A 15 -1.66 -5.18 -1.47
CA PRO A 15 -3.12 -4.99 -1.55
C PRO A 15 -3.91 -5.35 -0.29
N ASN A 16 -4.87 -4.49 0.01
CA ASN A 16 -5.74 -4.57 1.18
C ASN A 16 -6.93 -5.52 0.93
N PRO A 17 -7.58 -6.04 1.99
CA PRO A 17 -8.60 -7.06 1.76
C PRO A 17 -9.99 -6.61 1.26
N ARG A 18 -10.39 -5.37 1.52
CA ARG A 18 -11.78 -4.96 1.23
C ARG A 18 -11.99 -3.49 0.81
N GLU A 19 -11.35 -2.61 1.54
CA GLU A 19 -11.63 -1.19 1.46
C GLU A 19 -11.20 -0.56 0.12
N ARG A 20 -11.73 0.63 -0.17
CA ARG A 20 -11.41 1.31 -1.43
C ARG A 20 -10.08 2.09 -1.37
N SER A 21 -9.80 2.64 -0.21
CA SER A 21 -8.68 3.59 -0.04
C SER A 21 -7.46 3.05 0.71
N SER A 22 -7.63 2.02 1.52
CA SER A 22 -6.53 1.55 2.36
C SER A 22 -5.58 0.63 1.61
N PHE A 23 -4.41 0.45 2.19
CA PHE A 23 -3.41 -0.47 1.68
C PHE A 23 -2.74 -1.12 2.88
N TYR A 24 -1.89 -2.07 2.61
CA TYR A 24 -1.00 -2.61 3.64
C TYR A 24 0.32 -2.00 3.28
N SER A 25 1.13 -1.71 4.28
CA SER A 25 2.45 -1.17 4.08
C SER A 25 3.41 -1.96 4.93
N CYS A 26 4.51 -2.34 4.33
CA CYS A 26 5.57 -3.04 5.03
C CYS A 26 6.68 -2.00 5.06
N ALA A 27 7.11 -1.63 6.25
CA ALA A 27 8.10 -0.56 6.42
C ALA A 27 9.00 -0.89 7.60
N ALA A 28 10.30 -0.99 7.34
CA ALA A 28 11.31 -1.38 8.34
C ALA A 28 10.97 -2.74 8.96
N GLY A 29 10.33 -3.61 8.17
CA GLY A 29 9.95 -4.92 8.67
C GLY A 29 8.73 -4.90 9.59
N ARG A 30 8.08 -3.74 9.70
CA ARG A 30 6.92 -3.58 10.57
C ARG A 30 5.67 -3.35 9.72
N LEU A 31 4.53 -3.75 10.24
CA LEU A 31 3.27 -3.63 9.52
C LEU A 31 2.60 -2.29 9.79
N PHE A 32 2.17 -1.62 8.74
CA PHE A 32 1.35 -0.43 8.85
C PHE A 32 0.14 -0.66 7.94
N GLN A 33 -1.04 -0.27 8.39
CA GLN A 33 -2.24 -0.32 7.55
C GLN A 33 -2.76 1.10 7.50
N GLN A 34 -2.67 1.73 6.33
CA GLN A 34 -2.95 3.16 6.17
C GLN A 34 -3.69 3.38 4.86
N SER A 35 -4.09 4.61 4.57
CA SER A 35 -4.91 4.90 3.38
C SER A 35 -4.33 5.95 2.43
N CYS A 36 -4.77 5.86 1.18
CA CYS A 36 -4.42 6.81 0.11
C CYS A 36 -5.69 7.56 -0.26
N PRO A 37 -5.89 8.78 0.28
CA PRO A 37 -7.18 9.46 0.08
C PRO A 37 -7.40 10.17 -1.28
N THR A 38 -7.07 11.44 -1.38
CA THR A 38 -7.41 12.25 -2.54
C THR A 38 -6.52 12.03 -3.76
N GLY A 39 -7.13 11.52 -4.83
CA GLY A 39 -6.46 11.41 -6.12
C GLY A 39 -5.40 10.32 -6.20
N LEU A 40 -5.23 9.56 -5.13
CA LEU A 40 -4.20 8.54 -5.07
C LEU A 40 -4.83 7.16 -5.22
N VAL A 41 -4.22 6.33 -6.04
CA VAL A 41 -4.68 4.96 -6.24
C VAL A 41 -3.49 4.03 -6.01
N PHE A 42 -3.75 2.84 -5.47
CA PHE A 42 -2.67 1.89 -5.23
C PHE A 42 -2.36 1.14 -6.52
N SER A 43 -1.08 1.04 -6.84
CA SER A 43 -0.63 0.29 -8.01
C SER A 43 0.27 -0.85 -7.54
N ASN A 44 -0.23 -2.07 -7.64
CA ASN A 44 0.48 -3.24 -7.16
C ASN A 44 1.79 -3.50 -7.92
N SER A 45 1.86 -3.05 -9.17
CA SER A 45 3.05 -3.27 -9.99
C SER A 45 4.27 -2.50 -9.48
N CYS A 46 4.04 -1.36 -8.84
CA CYS A 46 5.15 -0.57 -8.29
C CYS A 46 5.22 -0.72 -6.77
N LYS A 47 4.26 -1.43 -6.20
CA LYS A 47 4.12 -1.58 -4.74
C LYS A 47 4.08 -0.20 -4.11
N CYS A 48 3.38 0.71 -4.78
CA CYS A 48 3.36 2.11 -4.39
C CYS A 48 2.01 2.73 -4.70
N CYS A 49 1.77 3.93 -4.20
CA CYS A 49 0.54 4.67 -4.50
C CYS A 49 0.91 5.68 -5.57
N THR A 50 0.06 5.84 -6.57
CA THR A 50 0.32 6.76 -7.67
C THR A 50 -0.81 7.75 -7.81
N TRP A 51 -0.50 8.94 -8.29
CA TRP A 51 -1.51 9.94 -8.56
C TRP A 51 -2.27 9.51 -9.81
N ASN A 52 -3.58 9.59 -9.78
CA ASN A 52 -4.40 9.26 -10.95
C ASN A 52 -4.51 10.47 -11.89
N GLY A 53 -3.39 10.82 -12.50
CA GLY A 53 -3.32 11.96 -13.40
C GLY A 53 -2.55 11.63 -14.66
N LEU A 54 -2.99 10.58 -15.35
CA LEU A 54 -2.32 10.12 -16.57
C LEU A 54 -2.33 11.18 -17.66
N VAL A 55 -1.18 11.43 -18.25
CA VAL A 55 -1.06 12.36 -19.38
C VAL A 55 -0.49 11.56 -20.56
N PRO A 56 -1.15 11.57 -21.73
CA PRO A 56 -0.72 10.74 -22.87
C PRO A 56 0.31 11.39 -23.79
N ARG A 57 0.90 12.50 -23.36
CA ARG A 57 1.86 13.25 -24.18
C ARG A 57 2.88 13.90 -23.24
N GLY A 1 4.49 -7.12 21.34
CA GLY A 1 4.94 -7.92 20.17
C GLY A 1 4.70 -7.18 18.87
N SER A 2 4.83 -7.86 17.75
CA SER A 2 4.60 -7.25 16.42
C SER A 2 3.80 -8.25 15.61
N PRO A 3 3.00 -7.79 14.62
CA PRO A 3 2.26 -8.80 13.86
C PRO A 3 3.18 -9.62 12.95
N THR A 4 2.89 -10.90 12.78
CA THR A 4 3.69 -11.77 11.92
C THR A 4 3.41 -11.48 10.45
N PHE A 5 2.33 -10.74 10.22
CA PHE A 5 1.90 -10.34 8.88
C PHE A 5 2.98 -9.62 8.05
N CYS A 6 3.88 -8.91 8.72
CA CYS A 6 4.95 -8.17 8.02
C CYS A 6 6.34 -8.75 8.29
N GLN A 7 6.45 -9.67 9.23
CA GLN A 7 7.72 -10.25 9.56
C GLN A 7 8.15 -11.19 8.45
N GLY A 8 9.36 -10.98 7.93
CA GLY A 8 9.86 -11.79 6.83
C GLY A 8 9.47 -11.26 5.47
N LYS A 9 8.76 -10.13 5.44
CA LYS A 9 8.33 -9.52 4.19
C LYS A 9 9.22 -8.36 3.79
N ALA A 10 9.37 -8.19 2.49
CA ALA A 10 10.09 -7.06 1.92
C ALA A 10 9.28 -5.80 2.19
N ASP A 11 9.92 -4.66 2.10
CA ASP A 11 9.26 -3.37 2.25
C ASP A 11 8.37 -3.05 1.04
N GLY A 12 7.71 -1.90 1.08
CA GLY A 12 6.82 -1.50 0.00
C GLY A 12 5.36 -1.68 0.38
N LEU A 13 4.46 -1.41 -0.56
CA LEU A 13 3.03 -1.54 -0.32
C LEU A 13 2.47 -2.89 -0.81
N TYR A 14 1.49 -3.41 -0.10
CA TYR A 14 0.85 -4.69 -0.44
C TYR A 14 -0.67 -4.47 -0.54
N PRO A 15 -1.37 -5.21 -1.44
CA PRO A 15 -2.81 -4.99 -1.59
C PRO A 15 -3.65 -5.44 -0.39
N ASN A 16 -4.82 -4.82 -0.27
CA ASN A 16 -5.77 -5.09 0.81
C ASN A 16 -6.83 -6.11 0.38
N PRO A 17 -7.42 -6.86 1.34
CA PRO A 17 -8.40 -7.86 0.89
C PRO A 17 -9.77 -7.31 0.45
N ARG A 18 -10.18 -6.16 0.97
CA ARG A 18 -11.48 -5.56 0.61
C ARG A 18 -11.53 -4.08 1.02
N GLU A 19 -11.77 -3.83 2.31
CA GLU A 19 -11.88 -2.47 2.89
C GLU A 19 -12.63 -1.49 1.93
N ARG A 20 -12.05 -0.32 1.67
CA ARG A 20 -12.64 0.69 0.79
C ARG A 20 -11.57 1.26 -0.14
N SER A 21 -10.50 1.79 0.45
CA SER A 21 -9.45 2.48 -0.33
C SER A 21 -8.10 2.48 0.40
N SER A 22 -7.71 1.31 0.90
CA SER A 22 -6.51 1.20 1.71
C SER A 22 -5.66 0.04 1.28
N PHE A 23 -4.45 -0.02 1.82
CA PHE A 23 -3.44 -1.02 1.46
C PHE A 23 -2.53 -1.19 2.67
N TYR A 24 -1.61 -2.14 2.58
CA TYR A 24 -0.69 -2.41 3.68
C TYR A 24 0.68 -1.86 3.28
N SER A 25 1.53 -1.65 4.26
CA SER A 25 2.89 -1.19 4.03
C SER A 25 3.81 -1.90 5.00
N CYS A 26 4.99 -2.27 4.54
CA CYS A 26 5.99 -2.87 5.42
C CYS A 26 7.18 -1.93 5.48
N ALA A 27 7.58 -1.59 6.70
CA ALA A 27 8.74 -0.72 6.91
C ALA A 27 9.40 -1.15 8.21
N ALA A 28 10.70 -1.41 8.17
CA ALA A 28 11.47 -1.87 9.33
C ALA A 28 10.88 -3.14 9.99
N GLY A 29 10.23 -3.97 9.18
CA GLY A 29 9.61 -5.18 9.69
C GLY A 29 8.33 -4.93 10.48
N ARG A 30 7.83 -3.70 10.45
CA ARG A 30 6.60 -3.34 11.16
C ARG A 30 5.53 -3.06 10.13
N LEU A 31 4.30 -3.37 10.50
CA LEU A 31 3.16 -3.18 9.63
C LEU A 31 2.58 -1.79 9.81
N PHE A 32 2.37 -1.11 8.71
CA PHE A 32 1.60 0.12 8.68
C PHE A 32 0.47 -0.18 7.70
N GLN A 33 -0.68 0.42 7.89
CA GLN A 33 -1.77 0.30 6.93
C GLN A 33 -1.99 1.72 6.48
N GLN A 34 -2.20 1.93 5.19
CA GLN A 34 -2.27 3.26 4.62
C GLN A 34 -3.45 3.39 3.70
N SER A 35 -3.76 4.62 3.31
CA SER A 35 -4.72 4.91 2.28
C SER A 35 -4.01 6.00 1.49
N CYS A 36 -4.41 6.22 0.24
CA CYS A 36 -3.86 7.31 -0.56
C CYS A 36 -5.09 8.13 -0.98
N PRO A 37 -5.63 8.95 -0.06
CA PRO A 37 -6.96 9.51 -0.37
C PRO A 37 -7.00 10.62 -1.41
N THR A 38 -6.13 11.61 -1.28
CA THR A 38 -6.13 12.76 -2.16
C THR A 38 -5.06 12.71 -3.25
N GLY A 39 -5.50 12.66 -4.50
CA GLY A 39 -4.60 12.81 -5.65
C GLY A 39 -3.68 11.66 -6.01
N LEU A 40 -3.56 10.66 -5.16
CA LEU A 40 -2.68 9.52 -5.43
C LEU A 40 -3.49 8.24 -5.45
N VAL A 41 -3.03 7.24 -6.18
CA VAL A 41 -3.70 5.94 -6.25
C VAL A 41 -2.63 4.85 -6.17
N PHE A 42 -2.94 3.73 -5.51
CA PHE A 42 -1.97 2.64 -5.37
C PHE A 42 -1.81 1.87 -6.67
N SER A 43 -0.58 1.72 -7.11
CA SER A 43 -0.26 0.94 -8.31
C SER A 43 0.54 -0.30 -7.88
N ASN A 44 -0.10 -1.45 -8.02
CA ASN A 44 0.49 -2.71 -7.58
C ASN A 44 1.77 -3.07 -8.34
N SER A 45 1.93 -2.51 -9.53
CA SER A 45 3.09 -2.82 -10.37
C SER A 45 4.38 -2.29 -9.78
N CYS A 46 4.33 -1.13 -9.12
CA CYS A 46 5.54 -0.53 -8.54
C CYS A 46 5.58 -0.71 -7.02
N LYS A 47 4.45 -1.18 -6.46
CA LYS A 47 4.27 -1.33 -5.00
C LYS A 47 4.34 0.02 -4.30
N CYS A 48 3.86 1.04 -4.99
CA CYS A 48 3.81 2.41 -4.47
C CYS A 48 2.52 3.08 -4.95
N CYS A 49 2.18 4.23 -4.36
CA CYS A 49 1.11 5.05 -4.89
C CYS A 49 1.73 5.96 -5.94
N THR A 50 0.97 6.28 -6.97
CA THR A 50 1.42 7.13 -8.07
C THR A 50 0.45 8.29 -8.21
N TRP A 51 0.88 9.36 -8.86
CA TRP A 51 0.02 10.52 -9.05
C TRP A 51 -1.11 10.12 -10.00
N ASN A 52 -2.35 10.43 -9.61
CA ASN A 52 -3.51 9.97 -10.36
C ASN A 52 -3.85 10.85 -11.57
N GLY A 53 -3.51 10.35 -12.75
CA GLY A 53 -3.93 11.01 -13.99
C GLY A 53 -3.09 12.19 -14.41
N LEU A 54 -2.08 12.53 -13.63
CA LEU A 54 -1.22 13.66 -13.96
C LEU A 54 -0.19 13.27 -15.00
N VAL A 55 0.28 14.25 -15.75
CA VAL A 55 1.25 14.01 -16.81
C VAL A 55 2.65 14.01 -16.17
N PRO A 56 3.45 12.93 -16.39
CA PRO A 56 4.77 12.82 -15.76
C PRO A 56 5.90 13.45 -16.59
N ARG A 57 5.55 14.28 -17.56
CA ARG A 57 6.51 14.91 -18.46
C ARG A 57 6.03 16.30 -18.80
N GLY A 1 -0.01 -19.56 15.79
CA GLY A 1 1.26 -18.80 15.82
C GLY A 1 1.01 -17.32 15.62
N SER A 2 2.07 -16.54 15.47
CA SER A 2 1.94 -15.10 15.22
C SER A 2 1.41 -14.92 13.78
N PRO A 3 0.61 -13.86 13.51
CA PRO A 3 0.12 -13.74 12.13
C PRO A 3 1.20 -13.38 11.12
N THR A 4 1.33 -14.20 10.09
CA THR A 4 2.37 -14.05 9.08
C THR A 4 1.98 -13.10 7.94
N PHE A 5 1.16 -12.11 8.25
CA PHE A 5 0.68 -11.18 7.22
C PHE A 5 1.82 -10.39 6.58
N CYS A 6 2.78 -9.94 7.38
CA CYS A 6 3.93 -9.19 6.90
C CYS A 6 5.24 -9.93 7.19
N GLN A 7 5.18 -10.96 8.02
CA GLN A 7 6.35 -11.69 8.40
C GLN A 7 6.90 -12.48 7.23
N GLY A 8 8.19 -12.31 6.97
CA GLY A 8 8.82 -13.01 5.85
C GLY A 8 8.48 -12.39 4.51
N LYS A 9 7.97 -11.17 4.51
CA LYS A 9 7.61 -10.48 3.28
C LYS A 9 8.50 -9.27 3.07
N ALA A 10 8.76 -8.95 1.81
CA ALA A 10 9.57 -7.79 1.47
C ALA A 10 8.79 -6.53 1.82
N ASP A 11 9.51 -5.48 2.16
CA ASP A 11 8.88 -4.20 2.49
C ASP A 11 8.24 -3.58 1.24
N GLY A 12 7.39 -2.58 1.46
CA GLY A 12 6.68 -1.92 0.37
C GLY A 12 5.19 -2.06 0.56
N LEU A 13 4.39 -1.59 -0.40
CA LEU A 13 2.94 -1.61 -0.25
C LEU A 13 2.28 -2.85 -0.85
N TYR A 14 1.14 -3.20 -0.28
CA TYR A 14 0.34 -4.34 -0.72
C TYR A 14 -1.12 -3.86 -0.80
N PRO A 15 -1.94 -4.41 -1.72
CA PRO A 15 -3.29 -3.86 -1.88
C PRO A 15 -4.25 -4.23 -0.75
N ASN A 16 -5.15 -3.31 -0.40
CA ASN A 16 -6.16 -3.58 0.62
C ASN A 16 -7.52 -3.87 -0.05
N PRO A 17 -8.10 -5.06 0.19
CA PRO A 17 -9.41 -5.29 -0.43
C PRO A 17 -10.56 -4.58 0.28
N ARG A 18 -10.34 -4.18 1.54
CA ARG A 18 -11.40 -3.57 2.36
C ARG A 18 -11.76 -2.18 1.87
N GLU A 19 -10.77 -1.31 1.72
CA GLU A 19 -11.00 0.02 1.21
C GLU A 19 -10.08 0.22 0.02
N ARG A 20 -10.56 0.88 -1.01
CA ARG A 20 -9.73 1.20 -2.19
C ARG A 20 -8.90 2.41 -1.87
N SER A 21 -9.36 3.12 -0.86
CA SER A 21 -8.75 4.34 -0.36
C SER A 21 -7.51 4.08 0.50
N SER A 22 -7.18 2.82 0.70
CA SER A 22 -6.11 2.45 1.62
C SER A 22 -5.22 1.35 1.06
N PHE A 23 -4.12 1.11 1.75
CA PHE A 23 -3.19 0.06 1.38
C PHE A 23 -2.63 -0.56 2.66
N TYR A 24 -1.89 -1.63 2.47
CA TYR A 24 -1.14 -2.25 3.55
C TYR A 24 0.29 -1.89 3.22
N SER A 25 1.13 -1.81 4.22
CA SER A 25 2.54 -1.51 4.01
C SER A 25 3.35 -2.37 4.93
N CYS A 26 4.48 -2.84 4.45
CA CYS A 26 5.44 -3.57 5.26
C CYS A 26 6.64 -2.65 5.36
N ALA A 27 7.11 -2.42 6.58
CA ALA A 27 8.27 -1.57 6.83
C ALA A 27 9.03 -2.19 8.00
N ALA A 28 10.23 -2.67 7.74
CA ALA A 28 11.05 -3.39 8.71
C ALA A 28 10.28 -4.61 9.25
N GLY A 29 9.47 -5.22 8.39
CA GLY A 29 8.68 -6.38 8.77
C GLY A 29 7.45 -6.05 9.62
N ARG A 30 7.25 -4.78 9.94
CA ARG A 30 6.10 -4.36 10.72
C ARG A 30 4.96 -4.05 9.77
N LEU A 31 3.75 -4.26 10.23
CA LEU A 31 2.55 -4.02 9.42
C LEU A 31 2.03 -2.61 9.67
N PHE A 32 1.88 -1.82 8.62
CA PHE A 32 1.24 -0.51 8.71
C PHE A 32 0.02 -0.54 7.81
N GLN A 33 -1.10 -0.02 8.29
CA GLN A 33 -2.30 0.10 7.47
C GLN A 33 -2.58 1.60 7.38
N GLN A 34 -2.57 2.16 6.17
CA GLN A 34 -2.72 3.62 6.00
C GLN A 34 -3.56 3.93 4.76
N SER A 35 -4.14 5.12 4.75
CA SER A 35 -4.92 5.59 3.62
C SER A 35 -4.04 6.41 2.68
N CYS A 36 -4.49 6.60 1.44
CA CYS A 36 -3.79 7.43 0.47
C CYS A 36 -4.67 8.64 0.17
N PRO A 37 -4.17 9.88 0.38
CA PRO A 37 -5.11 10.99 0.22
C PRO A 37 -5.43 11.44 -1.23
N THR A 38 -4.43 11.51 -2.09
CA THR A 38 -4.60 12.10 -3.43
C THR A 38 -4.71 11.10 -4.58
N GLY A 39 -5.85 11.07 -5.27
CA GLY A 39 -5.95 10.28 -6.50
C GLY A 39 -6.01 8.79 -6.23
N LEU A 40 -6.39 8.44 -5.02
CA LEU A 40 -6.17 7.11 -4.45
C LEU A 40 -6.50 5.84 -5.28
N VAL A 41 -5.43 5.21 -5.76
CA VAL A 41 -5.45 3.83 -6.27
C VAL A 41 -4.04 3.30 -5.96
N PHE A 42 -3.86 1.99 -5.97
CA PHE A 42 -2.54 1.40 -5.73
C PHE A 42 -2.00 0.74 -6.99
N SER A 43 -0.75 1.05 -7.33
CA SER A 43 -0.08 0.45 -8.47
C SER A 43 0.97 -0.55 -7.99
N ASN A 44 0.74 -1.82 -8.27
CA ASN A 44 1.66 -2.88 -7.86
C ASN A 44 3.05 -2.73 -8.48
N SER A 45 3.12 -2.27 -9.72
CA SER A 45 4.39 -2.11 -10.41
C SER A 45 5.22 -1.00 -9.79
N CYS A 46 4.55 0.03 -9.30
CA CYS A 46 5.24 1.14 -8.64
C CYS A 46 5.55 0.76 -7.19
N LYS A 47 4.78 -0.20 -6.69
CA LYS A 47 4.80 -0.60 -5.27
C LYS A 47 4.42 0.63 -4.44
N CYS A 48 3.65 1.52 -5.05
CA CYS A 48 3.29 2.81 -4.44
C CYS A 48 1.85 3.19 -4.77
N CYS A 49 1.33 4.20 -4.09
CA CYS A 49 0.01 4.75 -4.40
C CYS A 49 0.20 5.71 -5.57
N THR A 50 -0.71 5.68 -6.53
CA THR A 50 -0.62 6.51 -7.73
C THR A 50 -1.95 7.20 -7.95
N TRP A 51 -1.98 8.17 -8.84
CA TRP A 51 -3.23 8.84 -9.19
C TRP A 51 -4.05 7.93 -10.10
N ASN A 52 -5.37 8.04 -10.00
CA ASN A 52 -6.28 7.21 -10.78
C ASN A 52 -6.38 7.65 -12.23
N GLY A 53 -5.57 7.04 -13.09
CA GLY A 53 -5.65 7.27 -14.52
C GLY A 53 -4.94 8.53 -15.01
N LEU A 54 -4.13 9.15 -14.17
CA LEU A 54 -3.39 10.35 -14.55
C LEU A 54 -1.93 10.21 -14.14
N VAL A 55 -1.02 10.61 -15.01
CA VAL A 55 0.42 10.55 -14.73
C VAL A 55 0.95 11.98 -14.88
N PRO A 56 1.64 12.52 -13.84
CA PRO A 56 2.03 13.94 -13.92
C PRO A 56 3.23 14.28 -14.82
N ARG A 57 4.11 13.31 -15.08
CA ARG A 57 5.32 13.54 -15.86
C ARG A 57 5.86 12.17 -16.23
N GLY A 1 5.26 -5.80 21.80
CA GLY A 1 5.57 -6.71 20.66
C GLY A 1 5.42 -6.01 19.34
N SER A 2 5.54 -6.75 18.24
CA SER A 2 5.40 -6.17 16.90
C SER A 2 4.57 -7.13 16.05
N PRO A 3 3.85 -6.63 15.04
CA PRO A 3 3.05 -7.57 14.26
C PRO A 3 3.90 -8.49 13.38
N THR A 4 3.57 -9.77 13.37
CA THR A 4 4.33 -10.76 12.60
C THR A 4 3.92 -10.78 11.13
N PHE A 5 2.95 -9.94 10.80
CA PHE A 5 2.42 -9.85 9.43
C PHE A 5 3.48 -9.36 8.42
N CYS A 6 4.28 -8.38 8.82
CA CYS A 6 5.32 -7.82 7.95
C CYS A 6 6.67 -8.48 8.23
N GLN A 7 6.82 -9.14 9.36
CA GLN A 7 8.04 -9.83 9.67
C GLN A 7 8.20 -11.00 8.72
N GLY A 8 9.39 -11.14 8.14
CA GLY A 8 9.65 -12.20 7.17
C GLY A 8 9.17 -11.88 5.78
N LYS A 9 8.83 -10.61 5.53
CA LYS A 9 8.37 -10.17 4.20
C LYS A 9 9.30 -9.07 3.76
N ALA A 10 9.27 -8.76 2.47
CA ALA A 10 10.05 -7.66 1.94
C ALA A 10 9.27 -6.39 2.26
N ASP A 11 9.97 -5.30 2.51
CA ASP A 11 9.30 -4.03 2.77
C ASP A 11 8.68 -3.55 1.45
N GLY A 12 7.56 -2.85 1.55
CA GLY A 12 6.85 -2.39 0.37
C GLY A 12 5.35 -2.39 0.59
N LEU A 13 4.58 -2.05 -0.44
CA LEU A 13 3.12 -2.04 -0.33
C LEU A 13 2.53 -3.34 -0.87
N TYR A 14 1.52 -3.84 -0.17
CA TYR A 14 0.82 -5.07 -0.53
C TYR A 14 -0.67 -4.75 -0.65
N PRO A 15 -1.43 -5.51 -1.48
CA PRO A 15 -2.85 -5.18 -1.61
C PRO A 15 -3.67 -5.46 -0.35
N ASN A 16 -4.68 -4.63 -0.14
CA ASN A 16 -5.55 -4.68 1.04
C ASN A 16 -6.71 -5.68 0.86
N PRO A 17 -7.33 -6.14 1.96
CA PRO A 17 -8.31 -7.22 1.83
C PRO A 17 -9.75 -6.83 1.46
N ARG A 18 -10.15 -5.58 1.68
CA ARG A 18 -11.59 -5.21 1.57
C ARG A 18 -11.90 -3.81 1.03
N GLU A 19 -11.22 -2.81 1.57
CA GLU A 19 -11.54 -1.41 1.29
C GLU A 19 -11.12 -1.03 -0.14
N ARG A 20 -11.52 0.15 -0.60
CA ARG A 20 -11.18 0.56 -1.96
C ARG A 20 -9.78 1.16 -2.10
N SER A 21 -9.45 2.12 -1.25
CA SER A 21 -8.22 2.91 -1.41
C SER A 21 -7.14 2.70 -0.35
N SER A 22 -7.20 1.60 0.40
CA SER A 22 -6.20 1.34 1.43
C SER A 22 -5.18 0.32 0.94
N PHE A 23 -4.06 0.21 1.64
CA PHE A 23 -3.05 -0.78 1.32
C PHE A 23 -2.46 -1.32 2.62
N TYR A 24 -1.60 -2.31 2.50
CA TYR A 24 -0.79 -2.77 3.62
C TYR A 24 0.57 -2.22 3.31
N SER A 25 1.24 -1.68 4.31
CA SER A 25 2.59 -1.16 4.16
C SER A 25 3.49 -1.91 5.13
N CYS A 26 4.48 -2.59 4.58
CA CYS A 26 5.44 -3.34 5.37
C CYS A 26 6.69 -2.49 5.38
N ALA A 27 7.16 -2.11 6.56
CA ALA A 27 8.33 -1.25 6.70
C ALA A 27 9.08 -1.60 7.99
N ALA A 28 10.33 -2.02 7.85
CA ALA A 28 11.20 -2.38 8.99
C ALA A 28 10.55 -3.44 9.90
N GLY A 29 9.81 -4.36 9.30
CA GLY A 29 9.15 -5.41 10.06
C GLY A 29 7.88 -4.94 10.77
N ARG A 30 7.50 -3.70 10.55
CA ARG A 30 6.29 -3.14 11.17
C ARG A 30 5.22 -3.06 10.10
N LEU A 31 3.97 -3.16 10.51
CA LEU A 31 2.86 -3.04 9.59
C LEU A 31 2.15 -1.72 9.83
N PHE A 32 1.89 -1.02 8.75
CA PHE A 32 1.01 0.14 8.78
C PHE A 32 -0.08 -0.16 7.78
N GLN A 33 -1.33 0.08 8.13
CA GLN A 33 -2.43 -0.07 7.17
C GLN A 33 -2.97 1.33 6.95
N GLN A 34 -2.70 1.88 5.78
CA GLN A 34 -3.01 3.28 5.49
C GLN A 34 -3.63 3.35 4.11
N SER A 35 -4.03 4.54 3.71
CA SER A 35 -4.72 4.74 2.44
C SER A 35 -4.04 5.78 1.58
N CYS A 36 -4.47 5.83 0.33
CA CYS A 36 -4.06 6.89 -0.61
C CYS A 36 -5.23 7.89 -0.63
N PRO A 37 -5.14 9.00 0.12
CA PRO A 37 -6.31 9.88 0.23
C PRO A 37 -6.49 10.93 -0.89
N THR A 38 -6.04 12.15 -0.67
CA THR A 38 -6.29 13.24 -1.58
C THR A 38 -5.47 13.17 -2.85
N GLY A 39 -6.15 12.98 -3.97
CA GLY A 39 -5.49 13.02 -5.27
C GLY A 39 -4.63 11.80 -5.56
N LEU A 40 -4.74 10.77 -4.73
CA LEU A 40 -3.85 9.61 -4.82
C LEU A 40 -4.62 8.30 -4.98
N VAL A 41 -3.96 7.32 -5.59
CA VAL A 41 -4.51 5.99 -5.79
C VAL A 41 -3.38 4.97 -5.55
N PHE A 42 -3.75 3.71 -5.32
CA PHE A 42 -2.74 2.66 -5.15
C PHE A 42 -2.52 2.01 -6.52
N SER A 43 -1.27 1.84 -6.90
CA SER A 43 -0.91 1.24 -8.18
C SER A 43 -0.27 -0.13 -7.94
N ASN A 44 -1.06 -1.18 -8.16
CA ASN A 44 -0.63 -2.56 -7.89
C ASN A 44 0.54 -3.02 -8.76
N SER A 45 0.79 -2.34 -9.87
CA SER A 45 1.88 -2.71 -10.75
C SER A 45 3.24 -2.39 -10.14
N CYS A 46 3.42 -1.15 -9.71
CA CYS A 46 4.71 -0.70 -9.17
C CYS A 46 4.75 -0.67 -7.64
N LYS A 47 3.62 -1.00 -7.03
CA LYS A 47 3.45 -1.07 -5.55
C LYS A 47 3.63 0.33 -4.98
N CYS A 48 3.16 1.30 -5.72
CA CYS A 48 3.27 2.71 -5.33
C CYS A 48 1.93 3.25 -4.87
N CYS A 49 1.97 4.30 -4.08
CA CYS A 49 0.79 5.15 -3.87
C CYS A 49 1.17 6.33 -4.74
N THR A 50 0.35 6.66 -5.72
CA THR A 50 0.73 7.64 -6.75
C THR A 50 -0.46 8.52 -7.10
N TRP A 51 -0.21 9.59 -7.83
CA TRP A 51 -1.27 10.53 -8.20
C TRP A 51 -2.31 9.88 -9.09
N ASN A 52 -3.54 10.36 -8.97
CA ASN A 52 -4.70 9.80 -9.69
C ASN A 52 -4.69 10.02 -11.21
N GLY A 53 -3.66 10.65 -11.75
CA GLY A 53 -3.59 10.87 -13.19
C GLY A 53 -4.53 11.95 -13.68
N LEU A 54 -4.68 13.00 -12.90
CA LEU A 54 -5.55 14.12 -13.29
C LEU A 54 -5.08 14.77 -14.59
N VAL A 55 -6.00 14.89 -15.54
CA VAL A 55 -5.74 15.59 -16.81
C VAL A 55 -6.74 16.74 -16.84
N PRO A 56 -6.26 17.99 -16.87
CA PRO A 56 -7.24 19.08 -16.75
C PRO A 56 -8.04 19.42 -18.01
N ARG A 57 -7.47 19.11 -19.17
CA ARG A 57 -8.07 19.41 -20.47
C ARG A 57 -7.17 18.76 -21.49
N GLY A 1 -4.07 -6.33 11.40
CA GLY A 1 -3.01 -7.21 10.87
C GLY A 1 -3.03 -8.55 11.57
N SER A 2 -2.00 -9.37 11.37
CA SER A 2 -1.92 -10.70 11.99
C SER A 2 -0.44 -11.00 12.20
N PRO A 3 -0.10 -12.01 13.01
CA PRO A 3 1.32 -12.39 13.06
C PRO A 3 1.81 -12.84 11.69
N THR A 4 3.12 -12.71 11.46
CA THR A 4 3.79 -13.11 10.21
C THR A 4 3.34 -12.36 8.95
N PHE A 5 2.40 -11.43 9.07
CA PHE A 5 1.84 -10.72 7.92
C PHE A 5 2.89 -9.92 7.16
N CYS A 6 3.81 -9.29 7.89
CA CYS A 6 4.87 -8.48 7.26
C CYS A 6 6.25 -9.11 7.43
N GLN A 7 6.34 -10.25 8.09
CA GLN A 7 7.60 -10.91 8.30
C GLN A 7 8.00 -11.63 7.02
N GLY A 8 9.22 -11.35 6.56
CA GLY A 8 9.70 -11.96 5.34
C GLY A 8 9.15 -11.27 4.10
N LYS A 9 8.56 -10.09 4.27
CA LYS A 9 8.01 -9.34 3.15
C LYS A 9 8.94 -8.19 2.86
N ALA A 10 9.00 -7.84 1.59
CA ALA A 10 9.80 -6.72 1.13
C ALA A 10 9.06 -5.46 1.55
N ASP A 11 9.79 -4.37 1.73
CA ASP A 11 9.17 -3.09 2.08
C ASP A 11 8.37 -2.60 0.87
N GLY A 12 7.30 -1.87 1.14
CA GLY A 12 6.41 -1.38 0.09
C GLY A 12 4.97 -1.61 0.44
N LEU A 13 4.07 -1.30 -0.49
CA LEU A 13 2.64 -1.43 -0.24
C LEU A 13 2.07 -2.72 -0.81
N TYR A 14 1.06 -3.24 -0.12
CA TYR A 14 0.37 -4.46 -0.52
C TYR A 14 -1.14 -4.16 -0.53
N PRO A 15 -1.90 -4.81 -1.43
CA PRO A 15 -3.33 -4.45 -1.51
C PRO A 15 -4.18 -4.97 -0.35
N ASN A 16 -5.24 -4.23 -0.04
CA ASN A 16 -6.18 -4.62 1.00
C ASN A 16 -7.34 -5.39 0.34
N PRO A 17 -7.58 -6.65 0.74
CA PRO A 17 -8.70 -7.33 0.06
C PRO A 17 -10.08 -6.83 0.50
N ARG A 18 -10.14 -6.18 1.64
CA ARG A 18 -11.40 -5.68 2.20
C ARG A 18 -11.74 -4.29 1.71
N GLU A 19 -10.72 -3.46 1.54
CA GLU A 19 -10.93 -2.04 1.28
C GLU A 19 -10.44 -1.56 -0.08
N ARG A 20 -11.13 -0.56 -0.60
CA ARG A 20 -10.77 0.02 -1.91
C ARG A 20 -9.61 0.99 -1.79
N SER A 21 -9.80 1.99 -0.96
CA SER A 21 -8.87 3.12 -0.85
C SER A 21 -7.86 3.04 0.30
N SER A 22 -7.60 1.86 0.82
CA SER A 22 -6.58 1.71 1.86
C SER A 22 -5.70 0.52 1.54
N PHE A 23 -4.53 0.51 2.12
CA PHE A 23 -3.52 -0.47 1.78
C PHE A 23 -2.82 -0.99 3.04
N TYR A 24 -1.93 -1.95 2.82
CA TYR A 24 -1.03 -2.41 3.85
C TYR A 24 0.31 -1.87 3.43
N SER A 25 1.13 -1.50 4.37
CA SER A 25 2.46 -0.99 4.09
C SER A 25 3.41 -1.76 4.98
N CYS A 26 4.56 -2.11 4.44
CA CYS A 26 5.56 -2.87 5.16
C CYS A 26 6.82 -2.02 5.20
N ALA A 27 7.42 -1.92 6.37
CA ALA A 27 8.64 -1.13 6.55
C ALA A 27 9.50 -1.78 7.65
N ALA A 28 10.62 -2.36 7.24
CA ALA A 28 11.53 -3.08 8.16
C ALA A 28 10.76 -4.18 8.93
N GLY A 29 9.81 -4.81 8.23
CA GLY A 29 9.01 -5.86 8.85
C GLY A 29 7.88 -5.36 9.74
N ARG A 30 7.80 -4.06 9.95
CA ARG A 30 6.71 -3.49 10.75
C ARG A 30 5.53 -3.29 9.81
N LEU A 31 4.32 -3.40 10.33
CA LEU A 31 3.11 -3.29 9.54
C LEU A 31 2.45 -1.95 9.78
N PHE A 32 2.08 -1.26 8.71
CA PHE A 32 1.27 -0.05 8.79
C PHE A 32 0.03 -0.25 7.93
N GLN A 33 -1.12 0.20 8.40
CA GLN A 33 -2.34 0.14 7.61
C GLN A 33 -2.83 1.58 7.45
N GLN A 34 -2.77 2.11 6.24
CA GLN A 34 -3.07 3.53 5.99
C GLN A 34 -3.87 3.67 4.69
N SER A 35 -4.42 4.85 4.45
CA SER A 35 -5.26 5.08 3.28
C SER A 35 -4.64 6.03 2.26
N CYS A 36 -5.13 5.95 1.03
CA CYS A 36 -4.73 6.83 -0.06
C CYS A 36 -6.03 7.49 -0.54
N PRO A 37 -6.40 8.66 0.04
CA PRO A 37 -7.75 9.19 -0.24
C PRO A 37 -7.94 9.94 -1.58
N THR A 38 -7.72 11.24 -1.60
CA THR A 38 -8.08 12.07 -2.74
C THR A 38 -7.14 11.97 -3.93
N GLY A 39 -7.66 11.46 -5.04
CA GLY A 39 -6.90 11.41 -6.29
C GLY A 39 -5.78 10.39 -6.33
N LEU A 40 -5.61 9.65 -5.25
CA LEU A 40 -4.51 8.70 -5.11
C LEU A 40 -5.01 7.28 -5.32
N VAL A 41 -4.27 6.51 -6.11
CA VAL A 41 -4.63 5.12 -6.40
C VAL A 41 -3.41 4.22 -6.21
N PHE A 42 -3.66 2.98 -5.79
CA PHE A 42 -2.57 2.04 -5.58
C PHE A 42 -2.14 1.43 -6.91
N SER A 43 -0.84 1.34 -7.13
CA SER A 43 -0.29 0.70 -8.32
C SER A 43 0.36 -0.61 -7.89
N ASN A 44 -0.34 -1.71 -8.11
CA ASN A 44 0.10 -3.04 -7.68
C ASN A 44 1.44 -3.44 -8.28
N SER A 45 1.75 -2.92 -9.46
CA SER A 45 2.99 -3.26 -10.15
C SER A 45 4.22 -2.69 -9.45
N CYS A 46 4.13 -1.44 -8.98
CA CYS A 46 5.29 -0.78 -8.39
C CYS A 46 5.32 -0.88 -6.86
N LYS A 47 4.22 -1.34 -6.28
CA LYS A 47 4.05 -1.48 -4.81
C LYS A 47 4.05 -0.10 -4.17
N CYS A 48 3.56 0.88 -4.91
CA CYS A 48 3.45 2.26 -4.42
C CYS A 48 2.06 2.77 -4.69
N CYS A 49 1.70 3.85 -4.02
CA CYS A 49 0.44 4.54 -4.28
C CYS A 49 0.85 5.81 -4.99
N THR A 50 0.12 6.20 -6.02
CA THR A 50 0.49 7.34 -6.84
C THR A 50 -0.76 8.14 -7.21
N TRP A 51 -0.56 9.36 -7.68
CA TRP A 51 -1.67 10.18 -8.15
C TRP A 51 -2.15 9.59 -9.48
N ASN A 52 -3.43 9.70 -9.76
CA ASN A 52 -3.96 9.19 -11.03
C ASN A 52 -3.31 9.95 -12.18
N GLY A 53 -2.67 9.20 -13.08
CA GLY A 53 -1.92 9.84 -14.16
C GLY A 53 -2.75 10.25 -15.37
N LEU A 54 -4.01 9.84 -15.42
CA LEU A 54 -4.86 10.22 -16.54
C LEU A 54 -5.46 11.61 -16.28
N VAL A 55 -4.97 12.60 -17.01
CA VAL A 55 -5.42 13.98 -16.85
C VAL A 55 -6.18 14.39 -18.11
N PRO A 56 -7.44 14.88 -17.96
CA PRO A 56 -8.26 15.26 -19.13
C PRO A 56 -8.08 16.72 -19.56
N ARG A 57 -7.00 17.34 -19.12
CA ARG A 57 -6.72 18.75 -19.41
C ARG A 57 -5.30 18.89 -19.87
N GLY A 1 6.61 -10.05 20.63
CA GLY A 1 6.19 -10.64 19.32
C GLY A 1 6.38 -9.66 18.19
N SER A 2 6.05 -10.05 16.97
CA SER A 2 6.21 -9.19 15.79
C SER A 2 5.06 -9.57 14.87
N PRO A 3 4.57 -8.64 14.02
CA PRO A 3 3.48 -9.08 13.14
C PRO A 3 3.96 -10.06 12.07
N THR A 4 3.52 -11.30 12.19
CA THR A 4 3.91 -12.37 11.27
C THR A 4 3.50 -12.08 9.84
N PHE A 5 2.48 -11.23 9.69
CA PHE A 5 2.02 -10.76 8.40
C PHE A 5 3.09 -10.01 7.61
N CYS A 6 3.98 -9.31 8.31
CA CYS A 6 5.02 -8.51 7.69
C CYS A 6 6.40 -9.18 7.82
N GLN A 7 6.50 -10.20 8.65
CA GLN A 7 7.71 -10.94 8.75
C GLN A 7 7.88 -11.77 7.48
N GLY A 8 9.07 -11.71 6.89
CA GLY A 8 9.32 -12.41 5.64
C GLY A 8 8.81 -11.63 4.44
N LYS A 9 8.50 -10.35 4.62
CA LYS A 9 8.07 -9.48 3.54
C LYS A 9 9.14 -8.48 3.23
N ALA A 10 9.31 -8.15 1.96
CA ALA A 10 10.19 -7.06 1.59
C ALA A 10 9.41 -5.79 1.93
N ASP A 11 10.10 -4.70 2.22
CA ASP A 11 9.44 -3.44 2.53
C ASP A 11 8.75 -2.92 1.25
N GLY A 12 7.64 -2.20 1.42
CA GLY A 12 6.87 -1.71 0.28
C GLY A 12 5.39 -1.82 0.56
N LEU A 13 4.55 -1.47 -0.42
CA LEU A 13 3.09 -1.53 -0.24
C LEU A 13 2.56 -2.86 -0.75
N TYR A 14 1.54 -3.39 -0.10
CA TYR A 14 0.94 -4.68 -0.46
C TYR A 14 -0.58 -4.57 -0.64
N PRO A 15 -1.15 -5.42 -1.52
CA PRO A 15 -2.61 -5.32 -1.77
C PRO A 15 -3.47 -5.74 -0.58
N ASN A 16 -4.63 -5.11 -0.49
CA ASN A 16 -5.53 -5.25 0.64
C ASN A 16 -6.72 -6.18 0.31
N PRO A 17 -7.28 -6.89 1.30
CA PRO A 17 -8.37 -7.81 0.97
C PRO A 17 -9.73 -7.18 0.66
N ARG A 18 -10.06 -6.03 1.25
CA ARG A 18 -11.38 -5.41 1.04
C ARG A 18 -11.37 -3.91 1.30
N GLU A 19 -11.39 -3.54 2.57
CA GLU A 19 -11.37 -2.13 3.05
C GLU A 19 -12.14 -1.17 2.12
N ARG A 20 -11.44 -0.17 1.58
CA ARG A 20 -12.05 0.78 0.63
C ARG A 20 -11.03 1.44 -0.29
N SER A 21 -10.04 2.08 0.33
CA SER A 21 -9.03 2.86 -0.40
C SER A 21 -7.77 2.90 0.45
N SER A 22 -7.49 1.76 1.08
CA SER A 22 -6.39 1.65 2.03
C SER A 22 -5.70 0.32 1.75
N PHE A 23 -4.45 0.24 2.16
CA PHE A 23 -3.55 -0.83 1.76
C PHE A 23 -2.56 -1.09 2.88
N TYR A 24 -1.71 -2.09 2.71
CA TYR A 24 -0.72 -2.43 3.71
C TYR A 24 0.60 -1.83 3.30
N SER A 25 1.46 -1.58 4.28
CA SER A 25 2.80 -1.09 4.04
C SER A 25 3.72 -1.79 5.00
N CYS A 26 4.83 -2.32 4.51
CA CYS A 26 5.81 -2.97 5.36
C CYS A 26 7.02 -2.05 5.36
N ALA A 27 7.58 -1.81 6.54
CA ALA A 27 8.75 -0.97 6.69
C ALA A 27 9.53 -1.50 7.88
N ALA A 28 10.81 -1.78 7.70
CA ALA A 28 11.68 -2.36 8.73
C ALA A 28 11.09 -3.66 9.31
N GLY A 29 10.35 -4.39 8.48
CA GLY A 29 9.75 -5.65 8.92
C GLY A 29 8.53 -5.51 9.83
N ARG A 30 8.07 -4.29 10.09
CA ARG A 30 6.86 -4.09 10.91
C ARG A 30 5.76 -3.55 10.02
N LEU A 31 4.53 -3.87 10.37
CA LEU A 31 3.38 -3.52 9.56
C LEU A 31 2.84 -2.12 9.86
N PHE A 32 2.57 -1.39 8.79
CA PHE A 32 1.78 -0.17 8.85
C PHE A 32 0.56 -0.47 7.97
N GLN A 33 -0.60 0.07 8.29
CA GLN A 33 -1.74 0.00 7.38
C GLN A 33 -2.03 1.46 7.06
N GLN A 34 -2.18 1.77 5.78
CA GLN A 34 -2.22 3.17 5.30
C GLN A 34 -3.30 3.41 4.28
N SER A 35 -3.52 4.67 3.99
CA SER A 35 -4.35 5.10 2.87
C SER A 35 -3.51 6.21 2.29
N CYS A 36 -3.69 6.55 1.02
CA CYS A 36 -2.95 7.65 0.41
C CYS A 36 -3.99 8.75 0.28
N PRO A 37 -3.89 9.82 1.10
CA PRO A 37 -5.06 10.69 1.19
C PRO A 37 -5.37 11.60 0.00
N THR A 38 -4.37 12.35 -0.46
CA THR A 38 -4.60 13.36 -1.49
C THR A 38 -4.08 13.00 -2.88
N GLY A 39 -5.01 12.84 -3.83
CA GLY A 39 -4.63 12.77 -5.24
C GLY A 39 -3.86 11.53 -5.71
N LEU A 40 -3.65 10.57 -4.82
CA LEU A 40 -2.84 9.40 -5.12
C LEU A 40 -3.67 8.12 -5.01
N VAL A 41 -3.35 7.15 -5.85
CA VAL A 41 -3.99 5.84 -5.82
C VAL A 41 -2.90 4.78 -5.73
N PHE A 42 -3.21 3.64 -5.13
CA PHE A 42 -2.21 2.58 -4.98
C PHE A 42 -2.07 1.77 -6.26
N SER A 43 -0.88 1.80 -6.83
CA SER A 43 -0.56 1.00 -8.01
C SER A 43 0.10 -0.29 -7.53
N ASN A 44 -0.64 -1.38 -7.60
CA ASN A 44 -0.14 -2.68 -7.12
C ASN A 44 1.08 -3.15 -7.91
N SER A 45 1.19 -2.76 -9.16
CA SER A 45 2.34 -3.14 -9.97
C SER A 45 3.59 -2.40 -9.53
N CYS A 46 3.42 -1.16 -9.08
CA CYS A 46 4.55 -0.34 -8.62
C CYS A 46 4.92 -0.61 -7.17
N LYS A 47 3.95 -1.14 -6.42
CA LYS A 47 4.04 -1.29 -4.94
C LYS A 47 4.22 0.09 -4.33
N CYS A 48 3.66 1.09 -5.00
CA CYS A 48 3.77 2.48 -4.59
C CYS A 48 2.46 3.19 -4.88
N CYS A 49 2.26 4.36 -4.31
CA CYS A 49 1.09 5.18 -4.65
C CYS A 49 1.52 6.10 -5.79
N THR A 50 0.65 6.23 -6.78
CA THR A 50 0.95 7.01 -7.98
C THR A 50 -0.07 8.12 -8.15
N TRP A 51 0.29 9.13 -8.91
CA TRP A 51 -0.57 10.26 -9.21
C TRP A 51 -1.79 9.73 -9.96
N ASN A 52 -2.99 10.13 -9.56
CA ASN A 52 -4.19 9.66 -10.23
C ASN A 52 -4.37 10.35 -11.58
N GLY A 53 -4.44 9.57 -12.65
CA GLY A 53 -4.62 10.11 -13.99
C GLY A 53 -4.14 9.08 -14.98
N LEU A 54 -4.54 9.24 -16.22
CA LEU A 54 -4.15 8.36 -17.31
C LEU A 54 -3.31 9.18 -18.27
N VAL A 55 -2.27 8.58 -18.83
CA VAL A 55 -1.39 9.26 -19.78
C VAL A 55 -2.01 9.14 -21.19
N PRO A 56 -2.46 10.25 -21.80
CA PRO A 56 -3.19 10.15 -23.06
C PRO A 56 -2.35 10.22 -24.35
N ARG A 57 -1.03 10.23 -24.21
CA ARG A 57 -0.13 10.35 -25.37
C ARG A 57 0.48 8.99 -25.68
N GLY A 1 5.17 -10.04 20.51
CA GLY A 1 5.55 -10.43 19.13
C GLY A 1 5.07 -9.41 18.11
N SER A 2 5.28 -9.65 16.82
CA SER A 2 4.82 -8.71 15.78
C SER A 2 4.09 -9.58 14.73
N PRO A 3 3.13 -8.99 13.97
CA PRO A 3 2.33 -9.82 13.07
C PRO A 3 3.13 -10.56 12.00
N THR A 4 2.83 -11.85 11.83
CA THR A 4 3.51 -12.72 10.85
C THR A 4 3.23 -12.24 9.42
N PHE A 5 2.21 -11.41 9.29
CA PHE A 5 1.86 -10.75 8.04
C PHE A 5 3.04 -9.97 7.46
N CYS A 6 3.81 -9.29 8.32
CA CYS A 6 4.92 -8.45 7.86
C CYS A 6 6.29 -8.99 8.34
N GLN A 7 6.31 -10.05 9.13
CA GLN A 7 7.59 -10.64 9.57
C GLN A 7 8.35 -11.16 8.36
N GLY A 8 9.52 -10.60 8.11
CA GLY A 8 10.36 -11.03 7.00
C GLY A 8 9.84 -10.59 5.64
N LYS A 9 8.93 -9.63 5.59
CA LYS A 9 8.42 -9.14 4.31
C LYS A 9 9.26 -7.98 3.86
N ALA A 10 9.45 -7.86 2.56
CA ALA A 10 10.23 -6.77 2.01
C ALA A 10 9.43 -5.49 2.27
N ASP A 11 10.13 -4.39 2.46
CA ASP A 11 9.51 -3.10 2.67
C ASP A 11 8.82 -2.65 1.40
N GLY A 12 7.68 -1.99 1.54
CA GLY A 12 6.88 -1.58 0.38
C GLY A 12 5.41 -1.74 0.67
N LEU A 13 4.57 -1.47 -0.30
CA LEU A 13 3.13 -1.60 -0.10
C LEU A 13 2.59 -2.93 -0.59
N TYR A 14 1.51 -3.36 0.04
CA TYR A 14 0.82 -4.60 -0.32
C TYR A 14 -0.70 -4.35 -0.43
N PRO A 15 -1.42 -5.16 -1.25
CA PRO A 15 -2.84 -4.84 -1.46
C PRO A 15 -3.77 -5.13 -0.28
N ASN A 16 -4.74 -4.25 -0.12
CA ASN A 16 -5.71 -4.33 0.97
C ASN A 16 -6.94 -5.20 0.58
N PRO A 17 -7.68 -5.72 1.58
CA PRO A 17 -8.83 -6.61 1.28
C PRO A 17 -10.20 -5.98 0.99
N ARG A 18 -10.44 -4.73 1.38
CA ARG A 18 -11.79 -4.14 1.28
C ARG A 18 -11.90 -2.72 0.69
N GLU A 19 -11.25 -1.75 1.30
CA GLU A 19 -11.50 -0.35 0.97
C GLU A 19 -10.99 0.08 -0.40
N ARG A 20 -11.50 1.19 -0.89
CA ARG A 20 -11.16 1.67 -2.23
C ARG A 20 -9.71 2.10 -2.43
N SER A 21 -9.13 2.79 -1.46
CA SER A 21 -7.79 3.36 -1.60
C SER A 21 -6.80 3.05 -0.49
N SER A 22 -7.19 2.26 0.49
CA SER A 22 -6.26 1.97 1.60
C SER A 22 -5.23 0.94 1.16
N PHE A 23 -4.15 0.79 1.93
CA PHE A 23 -3.13 -0.20 1.63
C PHE A 23 -2.48 -0.71 2.90
N TYR A 24 -1.71 -1.77 2.74
CA TYR A 24 -0.83 -2.27 3.79
C TYR A 24 0.54 -1.75 3.42
N SER A 25 1.39 -1.58 4.39
CA SER A 25 2.76 -1.16 4.16
C SER A 25 3.62 -1.95 5.13
N CYS A 26 4.84 -2.22 4.72
CA CYS A 26 5.81 -2.89 5.57
C CYS A 26 7.01 -1.97 5.62
N ALA A 27 7.49 -1.67 6.82
CA ALA A 27 8.67 -0.83 7.02
C ALA A 27 9.52 -1.45 8.12
N ALA A 28 10.75 -1.81 7.79
CA ALA A 28 11.66 -2.52 8.70
C ALA A 28 11.00 -3.78 9.29
N GLY A 29 10.19 -4.45 8.47
CA GLY A 29 9.49 -5.65 8.91
C GLY A 29 8.33 -5.39 9.89
N ARG A 30 7.89 -4.16 10.01
CA ARG A 30 6.80 -3.78 10.91
C ARG A 30 5.61 -3.42 10.08
N LEU A 31 4.42 -3.77 10.57
CA LEU A 31 3.18 -3.51 9.83
C LEU A 31 2.72 -2.07 9.96
N PHE A 32 2.29 -1.53 8.84
CA PHE A 32 1.54 -0.29 8.80
C PHE A 32 0.30 -0.56 7.98
N GLN A 33 -0.83 -0.07 8.45
CA GLN A 33 -2.09 -0.21 7.75
C GLN A 33 -2.60 1.22 7.62
N GLN A 34 -2.66 1.75 6.41
CA GLN A 34 -2.92 3.18 6.23
C GLN A 34 -3.91 3.41 5.10
N SER A 35 -4.49 4.61 5.07
CA SER A 35 -5.40 5.00 4.00
C SER A 35 -4.71 6.03 3.12
N CYS A 36 -5.06 6.05 1.85
CA CYS A 36 -4.59 7.04 0.90
C CYS A 36 -5.81 7.95 0.69
N PRO A 37 -5.70 9.25 0.97
CA PRO A 37 -6.94 10.03 1.07
C PRO A 37 -7.66 10.40 -0.22
N THR A 38 -7.29 11.49 -0.87
CA THR A 38 -8.07 12.04 -1.97
C THR A 38 -7.60 11.66 -3.37
N GLY A 39 -8.43 10.91 -4.09
CA GLY A 39 -8.15 10.68 -5.51
C GLY A 39 -7.03 9.72 -5.83
N LEU A 40 -6.72 8.78 -4.94
CA LEU A 40 -5.66 7.81 -5.18
C LEU A 40 -6.20 6.39 -5.27
N VAL A 41 -5.39 5.52 -5.84
CA VAL A 41 -5.64 4.07 -5.96
C VAL A 41 -4.32 3.38 -5.67
N PHE A 42 -4.30 2.06 -5.54
CA PHE A 42 -3.04 1.34 -5.32
C PHE A 42 -2.57 0.69 -6.63
N SER A 43 -1.28 0.79 -6.90
CA SER A 43 -0.69 0.16 -8.07
C SER A 43 0.34 -0.90 -7.66
N ASN A 44 -0.02 -2.17 -7.86
CA ASN A 44 0.85 -3.29 -7.49
C ASN A 44 2.12 -3.34 -8.31
N SER A 45 2.11 -2.76 -9.50
CA SER A 45 3.27 -2.82 -10.39
C SER A 45 4.45 -2.04 -9.81
N CYS A 46 4.18 -0.89 -9.22
CA CYS A 46 5.25 -0.06 -8.68
C CYS A 46 5.32 -0.16 -7.16
N LYS A 47 4.33 -0.82 -6.56
CA LYS A 47 4.19 -0.94 -5.09
C LYS A 47 4.00 0.45 -4.47
N CYS A 48 3.29 1.33 -5.16
CA CYS A 48 3.00 2.67 -4.65
C CYS A 48 1.51 2.95 -4.65
N CYS A 49 1.11 3.92 -3.87
CA CYS A 49 -0.24 4.45 -3.95
C CYS A 49 -0.10 5.51 -5.05
N THR A 50 -0.96 5.47 -6.05
CA THR A 50 -0.83 6.31 -7.24
C THR A 50 -2.11 7.09 -7.51
N TRP A 51 -2.03 8.11 -8.34
CA TRP A 51 -3.18 8.94 -8.67
C TRP A 51 -4.23 8.15 -9.44
N ASN A 52 -5.49 8.49 -9.23
CA ASN A 52 -6.61 7.82 -9.91
C ASN A 52 -6.60 8.05 -11.43
N GLY A 53 -6.06 9.17 -11.87
CA GLY A 53 -5.92 9.43 -13.30
C GLY A 53 -7.09 10.17 -13.94
N LEU A 54 -8.14 10.44 -13.18
CA LEU A 54 -9.30 11.17 -13.71
C LEU A 54 -8.94 12.61 -14.10
N VAL A 55 -9.15 12.94 -15.37
CA VAL A 55 -8.92 14.29 -15.85
C VAL A 55 -10.28 14.83 -16.32
N PRO A 56 -10.73 15.99 -15.80
CA PRO A 56 -12.07 16.45 -16.17
C PRO A 56 -12.18 17.25 -17.47
N ARG A 57 -11.05 17.60 -18.07
CA ARG A 57 -11.01 18.37 -19.29
C ARG A 57 -9.96 17.82 -20.22
N GLY A 1 8.38 -8.57 19.41
CA GLY A 1 8.23 -9.21 18.08
C GLY A 1 7.67 -8.25 17.06
N SER A 2 7.16 -8.76 15.95
CA SER A 2 6.53 -7.94 14.92
C SER A 2 5.52 -8.86 14.25
N PRO A 3 4.45 -8.34 13.61
CA PRO A 3 3.51 -9.29 13.01
C PRO A 3 4.14 -10.17 11.93
N THR A 4 3.71 -11.42 11.87
CA THR A 4 4.20 -12.37 10.86
C THR A 4 3.73 -11.92 9.48
N PHE A 5 2.69 -11.11 9.48
CA PHE A 5 2.13 -10.52 8.26
C PHE A 5 3.19 -9.73 7.48
N CYS A 6 4.08 -9.04 8.20
CA CYS A 6 5.11 -8.22 7.56
C CYS A 6 6.51 -8.83 7.65
N GLN A 7 6.62 -9.98 8.29
CA GLN A 7 7.90 -10.64 8.42
C GLN A 7 8.28 -11.27 7.08
N GLY A 8 9.49 -10.98 6.62
CA GLY A 8 9.95 -11.51 5.36
C GLY A 8 9.35 -10.80 4.16
N LYS A 9 8.88 -9.58 4.35
CA LYS A 9 8.29 -8.80 3.26
C LYS A 9 9.18 -7.62 2.97
N ALA A 10 9.18 -7.23 1.71
CA ALA A 10 9.94 -6.08 1.26
C ALA A 10 9.16 -4.84 1.68
N ASP A 11 9.85 -3.71 1.79
CA ASP A 11 9.19 -2.45 2.10
C ASP A 11 8.29 -2.05 0.93
N GLY A 12 7.14 -1.47 1.23
CA GLY A 12 6.21 -1.05 0.18
C GLY A 12 4.77 -1.30 0.53
N LEU A 13 3.87 -1.06 -0.42
CA LEU A 13 2.44 -1.26 -0.22
C LEU A 13 2.01 -2.61 -0.77
N TYR A 14 1.00 -3.20 -0.15
CA TYR A 14 0.51 -4.54 -0.51
C TYR A 14 -1.02 -4.54 -0.68
N PRO A 15 -1.54 -5.40 -1.59
CA PRO A 15 -2.98 -5.42 -1.82
C PRO A 15 -3.79 -5.99 -0.65
N ASN A 16 -4.98 -5.45 -0.48
CA ASN A 16 -5.84 -5.74 0.66
C ASN A 16 -7.20 -6.30 0.20
N PRO A 17 -7.85 -7.14 1.03
CA PRO A 17 -9.09 -7.80 0.60
C PRO A 17 -10.41 -7.05 0.80
N ARG A 18 -10.42 -6.04 1.67
CA ARG A 18 -11.69 -5.41 2.09
C ARG A 18 -11.88 -3.94 1.74
N GLU A 19 -10.97 -3.11 2.21
CA GLU A 19 -11.08 -1.66 2.06
C GLU A 19 -10.93 -1.22 0.61
N ARG A 20 -11.59 -0.12 0.25
CA ARG A 20 -11.54 0.39 -1.13
C ARG A 20 -10.34 1.30 -1.34
N SER A 21 -10.34 2.42 -0.65
CA SER A 21 -9.31 3.46 -0.83
C SER A 21 -8.18 3.36 0.18
N SER A 22 -7.95 2.17 0.70
CA SER A 22 -6.88 1.93 1.66
C SER A 22 -6.33 0.54 1.42
N PHE A 23 -5.14 0.29 1.93
CA PHE A 23 -4.30 -0.83 1.52
C PHE A 23 -3.39 -1.20 2.70
N TYR A 24 -2.51 -2.17 2.50
CA TYR A 24 -1.57 -2.56 3.53
C TYR A 24 -0.23 -1.95 3.17
N SER A 25 0.62 -1.77 4.15
CA SER A 25 1.92 -1.16 3.96
C SER A 25 2.91 -1.87 4.88
N CYS A 26 4.14 -2.00 4.43
CA CYS A 26 5.17 -2.64 5.22
C CYS A 26 6.41 -1.76 5.20
N ALA A 27 6.96 -1.50 6.37
CA ALA A 27 8.17 -0.69 6.50
C ALA A 27 9.00 -1.25 7.64
N ALA A 28 10.25 -1.62 7.36
CA ALA A 28 11.17 -2.20 8.35
C ALA A 28 10.55 -3.42 9.07
N GLY A 29 9.76 -4.19 8.34
CA GLY A 29 9.12 -5.38 8.91
C GLY A 29 7.97 -5.06 9.85
N ARG A 30 7.50 -3.82 9.83
CA ARG A 30 6.38 -3.40 10.66
C ARG A 30 5.17 -3.19 9.76
N LEU A 31 4.01 -3.59 10.22
CA LEU A 31 2.78 -3.43 9.45
C LEU A 31 2.16 -2.08 9.72
N PHE A 32 1.86 -1.36 8.66
CA PHE A 32 1.06 -0.15 8.73
C PHE A 32 -0.13 -0.41 7.83
N GLN A 33 -1.31 0.01 8.21
CA GLN A 33 -2.48 -0.12 7.34
C GLN A 33 -2.84 1.31 7.01
N GLN A 34 -2.86 1.67 5.73
CA GLN A 34 -2.89 3.07 5.33
C GLN A 34 -3.87 3.37 4.22
N SER A 35 -4.15 4.64 4.05
CA SER A 35 -4.80 5.17 2.86
C SER A 35 -3.77 6.20 2.43
N CYS A 36 -3.79 6.64 1.19
CA CYS A 36 -2.85 7.68 0.75
C CYS A 36 -3.64 8.98 0.73
N PRO A 37 -3.18 10.01 1.45
CA PRO A 37 -4.08 11.16 1.56
C PRO A 37 -4.28 12.00 0.29
N THR A 38 -3.22 12.49 -0.31
CA THR A 38 -3.39 13.38 -1.45
C THR A 38 -3.64 12.69 -2.78
N GLY A 39 -4.89 12.38 -3.02
CA GLY A 39 -5.33 11.94 -4.35
C GLY A 39 -4.81 10.61 -4.88
N LEU A 40 -3.84 10.00 -4.21
CA LEU A 40 -3.10 8.88 -4.79
C LEU A 40 -3.84 7.54 -4.68
N VAL A 41 -3.51 6.63 -5.58
CA VAL A 41 -4.09 5.30 -5.59
C VAL A 41 -2.93 4.30 -5.51
N PHE A 42 -3.20 3.13 -4.96
CA PHE A 42 -2.15 2.09 -4.85
C PHE A 42 -1.93 1.44 -6.23
N SER A 43 -0.68 1.42 -6.66
CA SER A 43 -0.30 0.73 -7.88
C SER A 43 0.52 -0.49 -7.50
N ASN A 44 -0.07 -1.65 -7.70
CA ASN A 44 0.53 -2.93 -7.32
C ASN A 44 1.80 -3.26 -8.12
N SER A 45 2.05 -2.57 -9.21
CA SER A 45 3.27 -2.81 -9.98
C SER A 45 4.48 -2.28 -9.22
N CYS A 46 4.40 -1.06 -8.73
CA CYS A 46 5.52 -0.40 -8.04
C CYS A 46 5.52 -0.60 -6.53
N LYS A 47 4.46 -1.20 -6.00
CA LYS A 47 4.26 -1.40 -4.54
C LYS A 47 4.25 -0.02 -3.90
N CYS A 48 3.69 0.94 -4.62
CA CYS A 48 3.75 2.34 -4.22
C CYS A 48 2.44 3.04 -4.56
N CYS A 49 2.27 4.24 -4.03
CA CYS A 49 1.07 5.03 -4.31
C CYS A 49 1.40 6.00 -5.44
N THR A 50 0.54 6.06 -6.45
CA THR A 50 0.77 6.90 -7.62
C THR A 50 -0.40 7.83 -7.84
N TRP A 51 -0.15 8.97 -8.45
CA TRP A 51 -1.22 9.88 -8.82
C TRP A 51 -1.96 9.25 -9.99
N ASN A 52 -3.27 9.45 -10.07
CA ASN A 52 -4.06 8.89 -11.15
C ASN A 52 -3.93 9.71 -12.44
N GLY A 53 -2.87 9.43 -13.19
CA GLY A 53 -2.63 10.13 -14.45
C GLY A 53 -3.24 9.44 -15.65
N LEU A 54 -4.38 8.78 -15.46
CA LEU A 54 -5.03 8.08 -16.56
C LEU A 54 -5.70 9.07 -17.50
N VAL A 55 -5.11 9.25 -18.67
CA VAL A 55 -5.67 10.14 -19.68
C VAL A 55 -6.81 9.39 -20.38
N PRO A 56 -8.04 9.92 -20.36
CA PRO A 56 -9.17 9.20 -20.96
C PRO A 56 -9.33 9.41 -22.48
N ARG A 57 -8.36 10.08 -23.09
CA ARG A 57 -8.41 10.42 -24.51
C ARG A 57 -7.24 9.82 -25.25
N GLY A 1 0.94 -10.41 19.69
CA GLY A 1 2.30 -9.91 19.48
C GLY A 1 2.41 -9.04 18.26
N SER A 2 3.62 -8.72 17.85
CA SER A 2 3.82 -7.93 16.62
C SER A 2 3.34 -8.72 15.40
N PRO A 3 2.66 -8.04 14.44
CA PRO A 3 2.20 -8.81 13.29
C PRO A 3 3.31 -9.40 12.43
N THR A 4 3.34 -10.72 12.32
CA THR A 4 4.29 -11.43 11.46
C THR A 4 3.85 -11.32 10.00
N PHE A 5 2.73 -10.67 9.79
CA PHE A 5 2.21 -10.33 8.46
C PHE A 5 3.25 -9.52 7.65
N CYS A 6 4.05 -8.73 8.34
CA CYS A 6 5.06 -7.90 7.68
C CYS A 6 6.49 -8.34 7.96
N GLN A 7 6.66 -9.16 8.98
CA GLN A 7 7.99 -9.68 9.27
C GLN A 7 8.40 -10.60 8.12
N GLY A 8 9.57 -10.31 7.55
CA GLY A 8 10.10 -11.09 6.45
C GLY A 8 9.63 -10.64 5.09
N LYS A 9 8.97 -9.49 5.04
CA LYS A 9 8.49 -8.93 3.77
C LYS A 9 9.36 -7.75 3.41
N ALA A 10 9.50 -7.54 2.12
CA ALA A 10 10.25 -6.39 1.65
C ALA A 10 9.37 -5.19 1.91
N ASP A 11 9.98 -4.04 2.13
CA ASP A 11 9.19 -2.83 2.36
C ASP A 11 8.45 -2.51 1.04
N GLY A 12 7.29 -1.88 1.17
CA GLY A 12 6.45 -1.61 0.02
C GLY A 12 5.00 -1.80 0.38
N LEU A 13 4.12 -1.57 -0.59
CA LEU A 13 2.68 -1.66 -0.33
C LEU A 13 2.07 -2.96 -0.82
N TYR A 14 1.03 -3.42 -0.14
CA TYR A 14 0.32 -4.62 -0.56
C TYR A 14 -1.18 -4.31 -0.52
N PRO A 15 -1.98 -4.85 -1.46
CA PRO A 15 -3.39 -4.43 -1.47
C PRO A 15 -4.22 -5.00 -0.31
N ASN A 16 -5.21 -4.24 0.11
CA ASN A 16 -6.15 -4.67 1.13
C ASN A 16 -7.41 -5.24 0.45
N PRO A 17 -7.73 -6.53 0.65
CA PRO A 17 -8.90 -7.09 -0.03
C PRO A 17 -10.25 -6.77 0.60
N ARG A 18 -10.23 -6.26 1.84
CA ARG A 18 -11.47 -5.94 2.55
C ARG A 18 -11.95 -4.53 2.22
N GLU A 19 -11.00 -3.61 2.20
CA GLU A 19 -11.32 -2.20 2.00
C GLU A 19 -11.15 -1.75 0.55
N ARG A 20 -11.86 -0.69 0.20
CA ARG A 20 -11.83 -0.17 -1.17
C ARG A 20 -10.53 0.49 -1.60
N SER A 21 -10.01 1.35 -0.74
CA SER A 21 -8.91 2.25 -1.10
C SER A 21 -7.74 2.29 -0.14
N SER A 22 -7.60 1.24 0.65
CA SER A 22 -6.52 1.21 1.63
C SER A 22 -5.53 0.17 1.22
N PHE A 23 -4.34 0.22 1.79
CA PHE A 23 -3.29 -0.72 1.52
C PHE A 23 -2.68 -1.15 2.82
N TYR A 24 -1.91 -2.21 2.73
CA TYR A 24 -1.07 -2.63 3.81
C TYR A 24 0.27 -2.03 3.40
N SER A 25 1.07 -1.61 4.35
CA SER A 25 2.35 -0.99 4.06
C SER A 25 3.36 -1.60 5.02
N CYS A 26 4.56 -1.89 4.51
CA CYS A 26 5.63 -2.43 5.33
C CYS A 26 6.75 -1.43 5.40
N ALA A 27 7.12 -1.05 6.62
CA ALA A 27 8.19 -0.07 6.86
C ALA A 27 9.11 -0.65 7.92
N ALA A 28 10.36 -0.95 7.54
CA ALA A 28 11.35 -1.57 8.41
C ALA A 28 10.76 -2.84 9.03
N GLY A 29 9.99 -3.58 8.25
CA GLY A 29 9.44 -4.85 8.70
C GLY A 29 8.32 -4.73 9.74
N ARG A 30 7.77 -3.54 9.89
CA ARG A 30 6.60 -3.31 10.76
C ARG A 30 5.41 -2.93 9.88
N LEU A 31 4.23 -3.29 10.34
CA LEU A 31 3.01 -3.11 9.54
C LEU A 31 2.27 -1.78 9.82
N PHE A 32 1.95 -1.09 8.74
CA PHE A 32 1.09 0.06 8.76
C PHE A 32 -0.09 -0.27 7.89
N GLN A 33 -1.29 0.08 8.32
CA GLN A 33 -2.50 -0.12 7.52
C GLN A 33 -3.05 1.28 7.29
N GLN A 34 -2.96 1.77 6.06
CA GLN A 34 -3.22 3.16 5.75
C GLN A 34 -3.99 3.31 4.45
N SER A 35 -4.54 4.49 4.23
CA SER A 35 -5.31 4.76 3.03
C SER A 35 -4.50 5.57 2.01
N CYS A 36 -5.00 5.57 0.78
CA CYS A 36 -4.53 6.50 -0.24
C CYS A 36 -5.80 7.20 -0.75
N PRO A 37 -6.10 8.40 -0.20
CA PRO A 37 -7.36 9.09 -0.54
C PRO A 37 -7.21 10.06 -1.72
N THR A 38 -7.46 11.33 -1.51
CA THR A 38 -7.37 12.33 -2.56
C THR A 38 -5.96 12.50 -3.07
N GLY A 39 -5.83 12.71 -4.37
CA GLY A 39 -4.56 13.01 -4.98
C GLY A 39 -3.63 11.85 -5.23
N LEU A 40 -3.97 10.66 -4.75
CA LEU A 40 -3.04 9.52 -4.82
C LEU A 40 -3.73 8.28 -5.35
N VAL A 41 -3.01 7.49 -6.15
CA VAL A 41 -3.55 6.25 -6.72
C VAL A 41 -2.52 5.13 -6.49
N PHE A 42 -3.00 3.89 -6.35
CA PHE A 42 -2.13 2.75 -6.10
C PHE A 42 -1.67 2.08 -7.39
N SER A 43 -0.37 1.82 -7.48
CA SER A 43 0.22 1.16 -8.62
C SER A 43 0.74 -0.20 -8.22
N ASN A 44 -0.02 -1.23 -8.57
CA ASN A 44 0.33 -2.61 -8.24
C ASN A 44 1.64 -3.11 -8.90
N SER A 45 2.00 -2.55 -10.05
CA SER A 45 3.18 -3.02 -10.78
C SER A 45 4.47 -2.70 -10.04
N CYS A 46 4.53 -1.55 -9.36
CA CYS A 46 5.73 -1.18 -8.59
C CYS A 46 5.53 -1.36 -7.10
N LYS A 47 4.28 -1.66 -6.74
CA LYS A 47 3.80 -1.77 -5.34
C LYS A 47 3.99 -0.47 -4.55
N CYS A 48 3.63 0.63 -5.18
CA CYS A 48 3.72 1.97 -4.59
C CYS A 48 2.41 2.72 -4.73
N CYS A 49 2.28 3.85 -4.02
CA CYS A 49 1.18 4.79 -4.25
C CYS A 49 1.85 5.96 -4.95
N THR A 50 1.26 6.42 -6.02
CA THR A 50 1.85 7.47 -6.86
C THR A 50 0.96 8.71 -6.90
N TRP A 51 1.57 9.83 -7.24
CA TRP A 51 0.85 11.08 -7.35
C TRP A 51 -0.06 11.04 -8.58
N ASN A 52 -1.28 11.52 -8.45
CA ASN A 52 -2.23 11.52 -9.57
C ASN A 52 -2.29 12.89 -10.27
N GLY A 53 -1.68 12.98 -11.45
CA GLY A 53 -1.67 14.26 -12.19
C GLY A 53 -1.12 14.14 -13.60
N LEU A 54 -0.12 13.31 -13.81
CA LEU A 54 0.47 13.13 -15.11
C LEU A 54 -0.41 12.29 -16.00
N VAL A 55 -0.73 12.81 -17.17
CA VAL A 55 -1.53 12.07 -18.16
C VAL A 55 -0.84 12.14 -19.56
N PRO A 56 -0.42 10.97 -20.15
CA PRO A 56 0.30 10.98 -21.42
C PRO A 56 -0.61 11.01 -22.66
N ARG A 57 -1.91 10.95 -22.42
CA ARG A 57 -2.94 10.95 -23.46
C ARG A 57 -3.90 12.06 -23.12
N GLY A 1 0.21 -16.14 19.92
CA GLY A 1 0.80 -16.36 18.58
C GLY A 1 1.21 -15.07 17.93
N SER A 2 1.58 -15.10 16.66
CA SER A 2 1.95 -13.88 15.92
C SER A 2 1.32 -14.01 14.54
N PRO A 3 0.84 -12.89 13.95
CA PRO A 3 0.22 -13.04 12.63
C PRO A 3 1.23 -13.22 11.50
N THR A 4 2.51 -12.94 11.77
CA THR A 4 3.61 -13.01 10.77
C THR A 4 3.29 -12.30 9.44
N PHE A 5 2.40 -11.31 9.48
CA PHE A 5 1.89 -10.66 8.29
C PHE A 5 2.96 -9.90 7.49
N CYS A 6 3.78 -9.13 8.20
CA CYS A 6 4.85 -8.35 7.56
C CYS A 6 6.24 -8.88 7.95
N GLN A 7 6.27 -9.81 8.88
CA GLN A 7 7.51 -10.31 9.41
C GLN A 7 8.23 -11.15 8.36
N GLY A 8 9.46 -10.76 8.03
CA GLY A 8 10.23 -11.45 7.02
C GLY A 8 9.85 -11.06 5.60
N LYS A 9 9.21 -9.90 5.45
CA LYS A 9 8.77 -9.43 4.13
C LYS A 9 9.42 -8.11 3.78
N ALA A 10 9.61 -7.89 2.49
CA ALA A 10 10.25 -6.67 2.00
C ALA A 10 9.32 -5.48 2.18
N ASP A 11 9.92 -4.30 2.31
CA ASP A 11 9.17 -3.06 2.46
C ASP A 11 8.46 -2.71 1.15
N GLY A 12 7.30 -2.06 1.27
CA GLY A 12 6.50 -1.72 0.11
C GLY A 12 5.03 -1.78 0.47
N LEU A 13 4.13 -1.51 -0.48
CA LEU A 13 2.69 -1.57 -0.21
C LEU A 13 2.09 -2.89 -0.69
N TYR A 14 1.13 -3.40 0.05
CA TYR A 14 0.50 -4.68 -0.26
C TYR A 14 -1.03 -4.50 -0.34
N PRO A 15 -1.71 -5.28 -1.20
CA PRO A 15 -3.15 -5.06 -1.37
C PRO A 15 -4.03 -5.46 -0.18
N ASN A 16 -5.12 -4.74 -0.03
CA ASN A 16 -6.10 -4.93 1.04
C ASN A 16 -7.11 -6.04 0.64
N PRO A 17 -7.74 -6.72 1.62
CA PRO A 17 -8.75 -7.72 1.24
C PRO A 17 -10.15 -7.15 0.92
N ARG A 18 -10.48 -5.96 1.40
CA ARG A 18 -11.87 -5.45 1.33
C ARG A 18 -12.00 -3.93 1.09
N GLU A 19 -11.01 -3.20 1.56
CA GLU A 19 -10.99 -1.74 1.53
C GLU A 19 -10.71 -1.19 0.13
N ARG A 20 -10.64 0.13 -0.01
CA ARG A 20 -10.32 0.76 -1.30
C ARG A 20 -9.29 1.86 -1.15
N SER A 21 -9.61 2.83 -0.30
CA SER A 21 -8.73 3.98 -0.08
C SER A 21 -7.57 3.67 0.87
N SER A 22 -7.53 2.46 1.40
CA SER A 22 -6.51 2.04 2.35
C SER A 22 -5.90 0.70 1.93
N PHE A 23 -4.67 0.48 2.36
CA PHE A 23 -3.83 -0.62 1.90
C PHE A 23 -2.91 -1.04 3.05
N TYR A 24 -2.04 -2.01 2.82
CA TYR A 24 -1.07 -2.42 3.83
C TYR A 24 0.27 -1.89 3.39
N SER A 25 1.17 -1.78 4.34
CA SER A 25 2.51 -1.30 4.10
C SER A 25 3.44 -2.10 4.98
N CYS A 26 4.67 -2.21 4.56
CA CYS A 26 5.69 -2.86 5.34
C CYS A 26 6.82 -1.85 5.40
N ALA A 27 7.27 -1.56 6.61
CA ALA A 27 8.35 -0.60 6.83
C ALA A 27 9.24 -1.16 7.92
N ALA A 28 10.50 -1.39 7.58
CA ALA A 28 11.47 -2.05 8.45
C ALA A 28 10.94 -3.43 8.90
N GLY A 29 10.19 -4.08 8.00
CA GLY A 29 9.62 -5.39 8.31
C GLY A 29 8.46 -5.36 9.31
N ARG A 30 8.00 -4.16 9.66
CA ARG A 30 6.90 -4.01 10.61
C ARG A 30 5.63 -3.72 9.85
N LEU A 31 4.50 -4.08 10.43
CA LEU A 31 3.21 -3.85 9.79
C LEU A 31 2.78 -2.41 9.98
N PHE A 32 2.42 -1.77 8.89
CA PHE A 32 1.78 -0.48 8.92
C PHE A 32 0.60 -0.61 7.97
N GLN A 33 -0.47 0.10 8.21
CA GLN A 33 -1.55 0.16 7.24
C GLN A 33 -1.53 1.60 6.78
N GLN A 34 -1.86 1.82 5.52
CA GLN A 34 -1.72 3.13 4.89
C GLN A 34 -3.00 3.49 4.23
N SER A 35 -3.13 4.76 3.89
CA SER A 35 -4.21 5.24 3.08
C SER A 35 -3.56 6.36 2.30
N CYS A 36 -4.09 6.69 1.14
CA CYS A 36 -3.57 7.82 0.38
C CYS A 36 -4.76 8.77 0.33
N PRO A 37 -4.63 9.98 0.92
CA PRO A 37 -5.84 10.81 1.03
C PRO A 37 -6.33 11.41 -0.30
N THR A 38 -5.83 12.57 -0.69
CA THR A 38 -6.18 13.18 -1.97
C THR A 38 -5.05 13.01 -2.98
N GLY A 39 -5.39 13.00 -4.27
CA GLY A 39 -4.41 13.09 -5.35
C GLY A 39 -3.53 11.88 -5.62
N LEU A 40 -3.54 10.88 -4.75
CA LEU A 40 -2.67 9.72 -4.89
C LEU A 40 -3.51 8.44 -4.78
N VAL A 41 -3.16 7.42 -5.53
CA VAL A 41 -3.87 6.13 -5.52
C VAL A 41 -2.85 4.98 -5.48
N PHE A 42 -3.20 3.88 -4.83
CA PHE A 42 -2.29 2.73 -4.80
C PHE A 42 -2.34 1.98 -6.12
N SER A 43 -1.18 1.71 -6.69
CA SER A 43 -1.10 0.92 -7.92
C SER A 43 -0.15 -0.25 -7.72
N ASN A 44 -0.67 -1.45 -7.93
CA ASN A 44 0.12 -2.66 -7.74
C ASN A 44 1.30 -2.76 -8.71
N SER A 45 1.24 -2.06 -9.84
CA SER A 45 2.33 -2.08 -10.81
C SER A 45 3.60 -1.42 -10.27
N CYS A 46 3.41 -0.41 -9.42
CA CYS A 46 4.55 0.27 -8.77
C CYS A 46 4.81 -0.37 -7.42
N LYS A 47 3.77 -1.02 -6.89
CA LYS A 47 3.75 -1.55 -5.52
C LYS A 47 3.93 -0.38 -4.54
N CYS A 48 3.51 0.79 -5.01
CA CYS A 48 3.64 2.04 -4.28
C CYS A 48 2.39 2.87 -4.56
N CYS A 49 2.23 3.98 -3.86
CA CYS A 49 1.11 4.88 -4.13
C CYS A 49 1.61 5.85 -5.20
N THR A 50 0.85 5.97 -6.27
CA THR A 50 1.22 6.76 -7.44
C THR A 50 0.30 7.96 -7.56
N TRP A 51 0.72 8.97 -8.30
CA TRP A 51 -0.12 10.15 -8.53
C TRP A 51 -1.33 9.74 -9.37
N ASN A 52 -2.46 10.38 -9.12
CA ASN A 52 -3.69 10.09 -9.86
C ASN A 52 -3.68 10.75 -11.25
N GLY A 53 -2.84 10.23 -12.13
CA GLY A 53 -2.73 10.74 -13.49
C GLY A 53 -3.76 10.15 -14.43
N LEU A 54 -5.03 10.22 -14.04
CA LEU A 54 -6.11 9.70 -14.86
C LEU A 54 -6.24 10.52 -16.14
N VAL A 55 -6.31 9.86 -17.28
CA VAL A 55 -6.47 10.52 -18.57
C VAL A 55 -7.82 10.03 -19.12
N PRO A 56 -8.70 10.94 -19.59
CA PRO A 56 -10.02 10.54 -20.09
C PRO A 56 -10.02 10.11 -21.57
N ARG A 57 -8.83 9.86 -22.11
CA ARG A 57 -8.67 9.46 -23.50
C ARG A 57 -8.16 8.04 -23.56
N GLY A 1 -4.11 -4.97 12.11
CA GLY A 1 -4.19 -6.29 11.44
C GLY A 1 -3.53 -7.36 12.26
N SER A 2 -3.29 -8.54 11.70
CA SER A 2 -2.60 -9.62 12.42
C SER A 2 -1.16 -9.18 12.70
N PRO A 3 -0.58 -9.57 13.86
CA PRO A 3 0.80 -9.12 14.07
C PRO A 3 1.82 -9.81 13.16
N THR A 4 1.51 -11.01 12.69
CA THR A 4 2.42 -11.77 11.82
C THR A 4 2.27 -11.37 10.36
N PHE A 5 1.32 -10.49 10.09
CA PHE A 5 1.00 -10.06 8.73
C PHE A 5 2.20 -9.45 7.99
N CYS A 6 3.00 -8.68 8.70
CA CYS A 6 4.15 -8.00 8.09
C CYS A 6 5.49 -8.54 8.59
N GLN A 7 5.45 -9.54 9.45
CA GLN A 7 6.67 -10.09 10.00
C GLN A 7 7.43 -10.84 8.91
N GLY A 8 8.68 -10.45 8.70
CA GLY A 8 9.50 -11.07 7.66
C GLY A 8 9.09 -10.69 6.25
N LYS A 9 8.35 -9.60 6.10
CA LYS A 9 7.93 -9.15 4.77
C LYS A 9 8.78 -7.99 4.33
N ALA A 10 9.04 -7.94 3.03
CA ALA A 10 9.80 -6.88 2.44
C ALA A 10 8.98 -5.58 2.49
N ASP A 11 9.68 -4.47 2.53
CA ASP A 11 9.05 -3.15 2.58
C ASP A 11 8.28 -2.84 1.30
N GLY A 12 7.36 -1.89 1.38
CA GLY A 12 6.58 -1.45 0.23
C GLY A 12 5.10 -1.66 0.45
N LEU A 13 4.30 -1.37 -0.57
CA LEU A 13 2.84 -1.48 -0.44
C LEU A 13 2.34 -2.81 -0.98
N TYR A 14 1.22 -3.25 -0.42
CA TYR A 14 0.56 -4.49 -0.81
C TYR A 14 -0.93 -4.14 -0.98
N PRO A 15 -1.64 -4.81 -1.90
CA PRO A 15 -3.04 -4.39 -2.11
C PRO A 15 -3.96 -4.78 -0.96
N ASN A 16 -4.96 -3.94 -0.69
CA ASN A 16 -5.91 -4.18 0.39
C ASN A 16 -7.27 -4.59 -0.17
N PRO A 17 -7.82 -5.75 0.25
CA PRO A 17 -9.08 -6.21 -0.32
C PRO A 17 -10.36 -5.61 0.29
N ARG A 18 -10.25 -5.00 1.46
CA ARG A 18 -11.45 -4.59 2.21
C ARG A 18 -11.63 -3.13 2.60
N GLU A 19 -10.59 -2.51 3.15
CA GLU A 19 -10.76 -1.23 3.86
C GLU A 19 -11.53 -0.14 3.12
N ARG A 20 -10.99 0.37 2.01
CA ARG A 20 -11.64 1.42 1.21
C ARG A 20 -10.84 1.62 -0.08
N SER A 21 -10.03 2.68 -0.12
CA SER A 21 -9.13 2.97 -1.21
C SER A 21 -7.73 2.95 -0.64
N SER A 22 -7.64 2.38 0.55
CA SER A 22 -6.41 2.27 1.28
C SER A 22 -5.62 1.05 0.83
N PHE A 23 -4.41 0.91 1.35
CA PHE A 23 -3.52 -0.17 1.00
C PHE A 23 -2.97 -0.76 2.29
N TYR A 24 -2.12 -1.77 2.15
CA TYR A 24 -1.34 -2.29 3.26
C TYR A 24 0.05 -1.79 2.94
N SER A 25 0.81 -1.45 3.96
CA SER A 25 2.17 -0.99 3.78
C SER A 25 3.01 -1.72 4.80
N CYS A 26 4.22 -2.06 4.41
CA CYS A 26 5.15 -2.73 5.30
C CYS A 26 6.37 -1.83 5.39
N ALA A 27 6.77 -1.52 6.60
CA ALA A 27 7.94 -0.69 6.85
C ALA A 27 8.69 -1.29 8.03
N ALA A 28 9.94 -1.66 7.81
CA ALA A 28 10.78 -2.32 8.82
C ALA A 28 10.11 -3.58 9.39
N GLY A 29 9.32 -4.26 8.57
CA GLY A 29 8.63 -5.46 9.00
C GLY A 29 7.45 -5.18 9.93
N ARG A 30 6.94 -3.96 9.90
CA ARG A 30 5.79 -3.56 10.73
C ARG A 30 4.67 -3.16 9.79
N LEU A 31 3.43 -3.39 10.22
CA LEU A 31 2.27 -3.14 9.38
C LEU A 31 1.71 -1.74 9.57
N PHE A 32 1.51 -1.05 8.46
CA PHE A 32 0.78 0.21 8.43
C PHE A 32 -0.40 0.00 7.48
N GLN A 33 -1.59 0.40 7.90
CA GLN A 33 -2.77 0.32 7.04
C GLN A 33 -3.16 1.78 6.82
N GLN A 34 -2.92 2.28 5.61
CA GLN A 34 -3.03 3.71 5.31
C GLN A 34 -3.58 3.91 3.90
N SER A 35 -3.95 5.13 3.56
CA SER A 35 -4.44 5.46 2.23
C SER A 35 -3.48 6.45 1.56
N CYS A 36 -3.54 6.54 0.25
CA CYS A 36 -2.69 7.46 -0.51
C CYS A 36 -3.45 8.80 -0.60
N PRO A 37 -2.82 9.92 -0.22
CA PRO A 37 -3.65 11.14 -0.13
C PRO A 37 -4.21 11.70 -1.44
N THR A 38 -3.35 12.00 -2.41
CA THR A 38 -3.80 12.57 -3.69
C THR A 38 -3.73 11.54 -4.83
N GLY A 39 -4.69 11.60 -5.75
CA GLY A 39 -4.58 10.83 -6.99
C GLY A 39 -4.73 9.33 -6.85
N LEU A 40 -5.21 8.88 -5.70
CA LEU A 40 -5.01 7.50 -5.24
C LEU A 40 -5.35 6.35 -6.20
N VAL A 41 -4.30 5.66 -6.63
CA VAL A 41 -4.38 4.36 -7.29
C VAL A 41 -3.12 3.62 -6.82
N PHE A 42 -3.12 2.30 -6.95
CA PHE A 42 -1.97 1.49 -6.54
C PHE A 42 -1.36 0.81 -7.74
N SER A 43 -0.05 0.92 -7.89
CA SER A 43 0.67 0.30 -8.99
C SER A 43 1.53 -0.84 -8.45
N ASN A 44 1.18 -2.05 -8.86
CA ASN A 44 1.89 -3.26 -8.42
C ASN A 44 3.35 -3.29 -8.86
N SER A 45 3.66 -2.70 -10.01
CA SER A 45 5.01 -2.77 -10.56
C SER A 45 6.05 -2.05 -9.70
N CYS A 46 5.64 -0.99 -9.03
CA CYS A 46 6.55 -0.24 -8.16
C CYS A 46 6.25 -0.55 -6.70
N LYS A 47 5.18 -1.31 -6.47
CA LYS A 47 4.66 -1.59 -5.12
C LYS A 47 4.45 -0.27 -4.40
N CYS A 48 3.93 0.71 -5.14
CA CYS A 48 3.80 2.07 -4.65
C CYS A 48 2.52 2.73 -5.14
N CYS A 49 2.19 3.88 -4.57
CA CYS A 49 1.05 4.67 -5.02
C CYS A 49 1.53 5.54 -6.16
N THR A 50 0.72 5.69 -7.19
CA THR A 50 1.02 6.58 -8.30
C THR A 50 -0.20 7.47 -8.45
N TRP A 51 -0.09 8.53 -9.23
CA TRP A 51 -1.24 9.36 -9.52
C TRP A 51 -2.03 8.64 -10.61
N ASN A 52 -3.34 8.79 -10.62
CA ASN A 52 -4.15 8.13 -11.64
C ASN A 52 -3.76 8.67 -13.02
N GLY A 53 -3.71 7.79 -14.00
CA GLY A 53 -3.35 8.18 -15.35
C GLY A 53 -1.86 8.30 -15.61
N LEU A 54 -1.03 8.16 -14.59
CA LEU A 54 0.42 8.29 -14.76
C LEU A 54 1.12 6.97 -15.01
N VAL A 55 2.30 7.06 -15.59
CA VAL A 55 3.13 5.90 -15.87
C VAL A 55 3.94 5.62 -14.59
N PRO A 56 4.07 4.34 -14.17
CA PRO A 56 4.82 4.07 -12.93
C PRO A 56 6.34 4.08 -13.09
N ARG A 57 6.82 4.42 -14.28
CA ARG A 57 8.23 4.50 -14.59
C ARG A 57 8.52 5.81 -15.27
N GLY A 1 1.24 -2.61 14.00
CA GLY A 1 0.50 -3.84 13.61
C GLY A 1 1.29 -5.08 13.93
N SER A 2 0.89 -6.22 13.38
CA SER A 2 1.61 -7.47 13.64
C SER A 2 3.04 -7.42 13.09
N PRO A 3 4.05 -7.79 13.90
CA PRO A 3 5.40 -7.75 13.32
C PRO A 3 5.70 -8.87 12.33
N THR A 4 5.04 -10.02 12.51
CA THR A 4 5.32 -11.19 11.69
C THR A 4 4.71 -11.07 10.30
N PHE A 5 3.72 -10.21 10.16
CA PHE A 5 3.03 -10.02 8.89
C PHE A 5 3.97 -9.43 7.83
N CYS A 6 4.96 -8.67 8.26
CA CYS A 6 5.92 -8.06 7.34
C CYS A 6 7.31 -8.69 7.50
N GLN A 7 7.42 -9.76 8.25
CA GLN A 7 8.70 -10.44 8.41
C GLN A 7 9.02 -11.17 7.12
N GLY A 8 10.28 -11.11 6.69
CA GLY A 8 10.69 -11.76 5.45
C GLY A 8 10.16 -11.04 4.22
N LYS A 9 9.73 -9.80 4.38
CA LYS A 9 9.18 -9.01 3.29
C LYS A 9 9.92 -7.71 3.19
N ALA A 10 10.05 -7.18 1.98
CA ALA A 10 10.68 -5.90 1.77
C ALA A 10 9.70 -4.82 2.22
N ASP A 11 10.20 -3.65 2.57
CA ASP A 11 9.33 -2.54 2.90
C ASP A 11 8.65 -2.07 1.62
N GLY A 12 7.43 -1.57 1.75
CA GLY A 12 6.65 -1.18 0.58
C GLY A 12 5.19 -1.50 0.80
N LEU A 13 4.36 -1.31 -0.21
CA LEU A 13 2.92 -1.55 -0.08
C LEU A 13 2.55 -2.93 -0.63
N TYR A 14 1.52 -3.53 -0.05
CA TYR A 14 1.10 -4.90 -0.40
C TYR A 14 -0.42 -4.99 -0.64
N PRO A 15 -0.87 -5.97 -1.45
CA PRO A 15 -2.31 -6.08 -1.74
C PRO A 15 -3.18 -6.42 -0.54
N ASN A 16 -4.24 -5.63 -0.38
CA ASN A 16 -5.11 -5.66 0.78
C ASN A 16 -6.54 -6.04 0.38
N PRO A 17 -7.30 -6.68 1.29
CA PRO A 17 -8.66 -7.10 0.94
C PRO A 17 -9.78 -6.06 1.09
N ARG A 18 -9.56 -5.01 1.88
CA ARG A 18 -10.67 -4.14 2.29
C ARG A 18 -11.15 -3.11 1.26
N GLU A 19 -10.26 -2.21 0.84
CA GLU A 19 -10.67 -1.10 -0.05
C GLU A 19 -9.61 -0.78 -1.09
N ARG A 20 -10.05 -0.27 -2.22
CA ARG A 20 -9.19 0.25 -3.28
C ARG A 20 -8.34 1.44 -2.77
N SER A 21 -8.94 2.18 -1.86
CA SER A 21 -8.33 3.38 -1.25
C SER A 21 -7.44 3.07 -0.06
N SER A 22 -7.32 1.81 0.32
CA SER A 22 -6.51 1.44 1.49
C SER A 22 -5.45 0.46 1.05
N PHE A 23 -4.46 0.19 1.90
CA PHE A 23 -3.40 -0.73 1.56
C PHE A 23 -2.76 -1.35 2.81
N TYR A 24 -1.86 -2.31 2.58
CA TYR A 24 -1.02 -2.84 3.64
C TYR A 24 0.30 -2.16 3.36
N SER A 25 1.04 -1.84 4.41
CA SER A 25 2.34 -1.22 4.26
C SER A 25 3.28 -1.93 5.22
N CYS A 26 4.51 -2.12 4.77
CA CYS A 26 5.55 -2.67 5.61
C CYS A 26 6.61 -1.59 5.71
N ALA A 27 6.98 -1.25 6.93
CA ALA A 27 8.03 -0.27 7.18
C ALA A 27 8.85 -0.82 8.34
N ALA A 28 10.17 -0.87 8.16
CA ALA A 28 11.09 -1.51 9.11
C ALA A 28 10.70 -2.97 9.36
N GLY A 29 10.08 -3.60 8.36
CA GLY A 29 9.62 -4.97 8.50
C GLY A 29 8.46 -5.13 9.47
N ARG A 30 7.70 -4.08 9.72
CA ARG A 30 6.55 -4.14 10.64
C ARG A 30 5.31 -3.68 9.89
N LEU A 31 4.15 -4.22 10.27
CA LEU A 31 2.90 -3.89 9.59
C LEU A 31 2.30 -2.55 10.01
N PHE A 32 2.00 -1.74 9.02
CA PHE A 32 1.19 -0.54 9.18
C PHE A 32 0.03 -0.67 8.19
N GLN A 33 -1.19 -0.45 8.64
CA GLN A 33 -2.35 -0.49 7.74
C GLN A 33 -2.89 0.92 7.68
N GLN A 34 -3.00 1.47 6.48
CA GLN A 34 -3.35 2.87 6.29
C GLN A 34 -4.24 3.02 5.06
N SER A 35 -4.78 4.22 4.88
CA SER A 35 -5.58 4.56 3.73
C SER A 35 -4.93 5.73 3.01
N CYS A 36 -5.33 5.92 1.77
CA CYS A 36 -4.81 6.97 0.90
C CYS A 36 -6.02 7.80 0.45
N PRO A 37 -6.61 8.59 1.37
CA PRO A 37 -7.95 9.09 1.03
C PRO A 37 -8.05 10.21 0.01
N THR A 38 -7.03 11.05 -0.11
CA THR A 38 -7.11 12.20 -0.98
C THR A 38 -6.87 11.87 -2.47
N GLY A 39 -7.94 11.49 -3.15
CA GLY A 39 -7.94 11.39 -4.61
C GLY A 39 -7.10 10.29 -5.25
N LEU A 40 -6.46 9.46 -4.45
CA LEU A 40 -5.52 8.46 -4.97
C LEU A 40 -5.92 7.05 -4.57
N VAL A 41 -5.37 6.05 -5.25
CA VAL A 41 -5.71 4.65 -5.01
C VAL A 41 -4.44 3.79 -4.96
N PHE A 42 -4.53 2.62 -4.36
CA PHE A 42 -3.38 1.72 -4.36
C PHE A 42 -3.19 1.08 -5.74
N SER A 43 -1.99 1.21 -6.29
CA SER A 43 -1.65 0.60 -7.57
C SER A 43 -0.73 -0.58 -7.33
N ASN A 44 -1.26 -1.76 -7.54
CA ASN A 44 -0.53 -3.01 -7.28
C ASN A 44 0.67 -3.22 -8.19
N SER A 45 0.72 -2.55 -9.34
CA SER A 45 1.80 -2.76 -10.30
C SER A 45 3.13 -2.17 -9.80
N CYS A 46 3.08 -0.97 -9.25
CA CYS A 46 4.30 -0.28 -8.78
C CYS A 46 4.43 -0.33 -7.26
N LYS A 47 3.38 -0.82 -6.60
CA LYS A 47 3.28 -0.87 -5.12
C LYS A 47 3.33 0.54 -4.52
N CYS A 48 2.67 1.46 -5.20
CA CYS A 48 2.57 2.85 -4.73
C CYS A 48 1.11 3.26 -4.66
N CYS A 49 0.84 4.41 -4.05
CA CYS A 49 -0.50 5.01 -4.11
C CYS A 49 -0.40 6.09 -5.18
N THR A 50 -1.26 6.00 -6.21
CA THR A 50 -1.17 6.89 -7.37
C THR A 50 -2.57 7.19 -7.92
N TRP A 51 -2.65 8.09 -8.89
CA TRP A 51 -3.92 8.47 -9.51
C TRP A 51 -4.65 7.26 -10.10
N ASN A 52 -5.98 7.31 -10.09
CA ASN A 52 -6.80 6.18 -10.57
C ASN A 52 -6.92 6.13 -12.10
N GLY A 53 -5.80 5.96 -12.79
CA GLY A 53 -5.82 5.75 -14.23
C GLY A 53 -6.25 6.95 -15.06
N LEU A 54 -5.75 8.13 -14.72
CA LEU A 54 -6.07 9.34 -15.50
C LEU A 54 -5.45 9.22 -16.89
N VAL A 55 -6.26 9.44 -17.93
CA VAL A 55 -5.79 9.37 -19.32
C VAL A 55 -6.05 10.77 -19.92
N PRO A 56 -5.06 11.37 -20.60
CA PRO A 56 -5.26 12.73 -21.14
C PRO A 56 -5.99 12.79 -22.48
N ARG A 57 -6.47 11.65 -22.96
CA ARG A 57 -7.16 11.55 -24.25
C ARG A 57 -8.47 10.84 -23.98
N GLY A 1 3.20 -15.10 18.75
CA GLY A 1 2.51 -13.79 18.77
C GLY A 1 2.76 -13.02 17.52
N SER A 2 2.49 -11.71 17.53
CA SER A 2 2.68 -10.81 16.36
C SER A 2 1.73 -11.15 15.16
N PRO A 3 1.39 -10.15 14.34
CA PRO A 3 0.58 -10.53 13.16
C PRO A 3 1.22 -11.50 12.19
N THR A 4 2.54 -11.56 12.16
CA THR A 4 3.33 -12.39 11.18
C THR A 4 3.12 -12.00 9.69
N PHE A 5 2.26 -11.04 9.47
CA PHE A 5 1.86 -10.56 8.14
C PHE A 5 2.99 -9.89 7.36
N CYS A 6 3.85 -9.14 8.02
CA CYS A 6 4.95 -8.43 7.33
C CYS A 6 6.28 -9.12 7.54
N GLN A 7 6.31 -10.20 8.30
CA GLN A 7 7.57 -10.84 8.59
C GLN A 7 8.03 -11.60 7.34
N GLY A 8 9.25 -11.31 6.94
CA GLY A 8 9.82 -11.91 5.77
C GLY A 8 9.46 -11.19 4.45
N LYS A 9 8.54 -10.23 4.54
CA LYS A 9 8.12 -9.44 3.38
C LYS A 9 8.99 -8.24 3.20
N ALA A 10 9.22 -7.85 1.95
CA ALA A 10 10.05 -6.71 1.60
C ALA A 10 9.26 -5.42 1.89
N ASP A 11 9.96 -4.32 2.12
CA ASP A 11 9.33 -3.03 2.32
C ASP A 11 8.58 -2.60 1.02
N GLY A 12 7.48 -1.87 1.14
CA GLY A 12 6.66 -1.50 -0.02
C GLY A 12 5.19 -1.53 0.34
N LEU A 13 4.29 -1.43 -0.64
CA LEU A 13 2.83 -1.40 -0.40
C LEU A 13 2.18 -2.60 -0.99
N TYR A 14 1.24 -3.19 -0.25
CA TYR A 14 0.54 -4.42 -0.59
C TYR A 14 -0.97 -4.15 -0.55
N PRO A 15 -1.75 -4.81 -1.44
CA PRO A 15 -3.15 -4.38 -1.51
C PRO A 15 -3.99 -4.82 -0.34
N ASN A 16 -5.00 -4.04 -0.03
CA ASN A 16 -5.99 -4.40 0.98
C ASN A 16 -7.12 -5.23 0.30
N PRO A 17 -7.60 -6.30 0.93
CA PRO A 17 -8.66 -7.07 0.27
C PRO A 17 -10.08 -6.49 0.36
N ARG A 18 -10.32 -5.60 1.33
CA ARG A 18 -11.69 -5.12 1.63
C ARG A 18 -11.95 -3.73 1.06
N GLU A 19 -10.97 -2.86 1.19
CA GLU A 19 -10.98 -1.52 0.57
C GLU A 19 -10.01 -1.51 -0.61
N ARG A 20 -10.15 -0.53 -1.49
CA ARG A 20 -9.25 -0.42 -2.65
C ARG A 20 -8.41 0.85 -2.75
N SER A 21 -8.67 1.82 -1.90
CA SER A 21 -7.86 3.06 -1.93
C SER A 21 -6.91 3.05 -0.71
N SER A 22 -6.84 1.91 -0.05
CA SER A 22 -5.99 1.74 1.12
C SER A 22 -5.05 0.62 0.84
N PHE A 23 -4.04 0.51 1.70
CA PHE A 23 -3.01 -0.47 1.49
C PHE A 23 -2.50 -0.97 2.82
N TYR A 24 -1.71 -2.01 2.72
CA TYR A 24 -0.87 -2.44 3.80
C TYR A 24 0.49 -1.86 3.46
N SER A 25 1.15 -1.25 4.44
CA SER A 25 2.47 -0.71 4.21
C SER A 25 3.38 -1.54 5.03
N CYS A 26 4.51 -1.94 4.47
CA CYS A 26 5.55 -2.66 5.21
C CYS A 26 6.78 -1.78 5.23
N ALA A 27 7.28 -1.52 6.41
CA ALA A 27 8.46 -0.66 6.61
C ALA A 27 9.31 -1.24 7.74
N ALA A 28 10.58 -1.48 7.42
CA ALA A 28 11.50 -2.13 8.34
C ALA A 28 10.93 -3.45 8.87
N GLY A 29 10.21 -4.15 8.00
CA GLY A 29 9.57 -5.40 8.35
C GLY A 29 8.35 -5.28 9.28
N ARG A 30 7.88 -4.05 9.57
CA ARG A 30 6.73 -3.86 10.46
C ARG A 30 5.54 -3.41 9.62
N LEU A 31 4.36 -3.76 10.09
CA LEU A 31 3.12 -3.46 9.41
C LEU A 31 2.45 -2.18 9.87
N PHE A 32 2.04 -1.40 8.86
CA PHE A 32 1.21 -0.21 9.05
C PHE A 32 0.00 -0.40 8.18
N GLN A 33 -1.15 0.12 8.55
CA GLN A 33 -2.34 -0.03 7.73
C GLN A 33 -2.94 1.34 7.52
N GLN A 34 -2.80 1.91 6.33
CA GLN A 34 -3.31 3.27 6.04
C GLN A 34 -3.97 3.38 4.68
N SER A 35 -4.54 4.55 4.40
CA SER A 35 -5.15 4.81 3.10
C SER A 35 -4.39 5.87 2.31
N CYS A 36 -4.65 5.94 1.02
CA CYS A 36 -4.11 6.97 0.16
C CYS A 36 -5.38 7.65 -0.36
N PRO A 37 -5.88 8.68 0.37
CA PRO A 37 -7.21 9.13 0.04
C PRO A 37 -7.45 10.15 -1.09
N THR A 38 -7.00 11.38 -0.96
CA THR A 38 -7.40 12.40 -1.95
C THR A 38 -6.48 12.44 -3.15
N GLY A 39 -7.02 12.16 -4.33
CA GLY A 39 -6.28 12.27 -5.56
C GLY A 39 -5.29 11.10 -5.78
N LEU A 40 -5.48 10.02 -5.08
CA LEU A 40 -4.52 8.92 -5.11
C LEU A 40 -5.14 7.53 -5.18
N VAL A 41 -4.41 6.60 -5.75
CA VAL A 41 -4.87 5.21 -5.90
C VAL A 41 -3.65 4.30 -5.62
N PHE A 42 -3.91 3.01 -5.46
CA PHE A 42 -2.83 2.05 -5.22
C PHE A 42 -2.51 1.27 -6.52
N SER A 43 -1.22 1.22 -6.87
CA SER A 43 -0.77 0.48 -8.05
C SER A 43 0.22 -0.61 -7.63
N ASN A 44 -0.23 -1.86 -7.78
CA ASN A 44 0.61 -3.01 -7.46
C ASN A 44 1.84 -3.11 -8.37
N SER A 45 1.78 -2.54 -9.56
CA SER A 45 2.88 -2.66 -10.52
C SER A 45 4.12 -1.92 -10.05
N CYS A 46 3.96 -0.85 -9.29
CA CYS A 46 5.08 -0.13 -8.72
C CYS A 46 5.21 -0.50 -7.26
N LYS A 47 4.23 -1.26 -6.75
CA LYS A 47 4.15 -1.65 -5.34
C LYS A 47 4.09 -0.40 -4.46
N CYS A 48 3.45 0.60 -5.02
CA CYS A 48 3.43 1.97 -4.45
C CYS A 48 2.08 2.74 -4.68
N CYS A 49 1.94 3.84 -3.99
CA CYS A 49 0.77 4.73 -4.16
C CYS A 49 1.03 5.70 -5.30
N THR A 50 0.02 5.89 -6.16
CA THR A 50 0.16 6.73 -7.36
C THR A 50 -1.04 7.69 -7.42
N TRP A 51 -0.97 8.65 -8.34
CA TRP A 51 -2.00 9.67 -8.56
C TRP A 51 -3.24 9.11 -9.30
N ASN A 52 -4.41 9.53 -8.89
CA ASN A 52 -5.67 8.98 -9.44
C ASN A 52 -5.81 9.27 -10.92
N GLY A 53 -5.61 10.54 -11.31
CA GLY A 53 -5.83 10.94 -12.68
C GLY A 53 -6.15 12.43 -12.83
N LEU A 54 -7.29 12.73 -13.41
CA LEU A 54 -7.68 14.15 -13.70
C LEU A 54 -8.59 14.71 -12.61
N VAL A 55 -8.67 16.02 -12.55
CA VAL A 55 -9.56 16.76 -11.62
C VAL A 55 -10.65 17.36 -12.53
N PRO A 56 -11.95 17.12 -12.23
CA PRO A 56 -12.98 17.58 -13.19
C PRO A 56 -13.39 19.04 -13.11
N ARG A 57 -12.99 19.77 -12.07
CA ARG A 57 -13.42 21.16 -11.86
C ARG A 57 -12.23 21.85 -11.24
#